data_2Y37
#
_entry.id   2Y37
#
_cell.length_a   212.492
_cell.length_b   212.492
_cell.length_c   115.372
_cell.angle_alpha   90.00
_cell.angle_beta   90.00
_cell.angle_gamma   120.00
#
_symmetry.space_group_name_H-M   'P 61 2 2'
#
loop_
_entity.id
_entity.type
_entity.pdbx_description
1 polymer 'NITRIC OXIDE SYNTHASE, INDUCIBLE'
2 non-polymer 'SULFATE ION'
3 non-polymer GLYCEROL
4 non-polymer 2-[(1R)-3-amino-1-phenyl-propoxy]-4-chloro-benzonitrile
5 non-polymer 'PROTOPORPHYRIN IX CONTAINING FE'
6 non-polymer 5,6,7,8-TETRAHYDROBIOPTERIN
7 water water
#
_entity_poly.entity_id   1
_entity_poly.type   'polypeptide(L)'
_entity_poly.pdbx_seq_one_letter_code
;LDKLHVTSTRPQYVRIKNWGSGEILHDTLHHKATSDFTCKSKSCLGSIMNPKSLTRGPRDKPTPLEELLPHAIEFINQYY
GSFKEAKIEEHLARLEAVTKEIETTGTYQLTLDELIFATKMAWRNAPRCIGRIQWSNLQVFDARNCSTAQEMFQHICRHI
LYATNNGNIRSAITVFPQRSDGKHDFRLWNSQLIRYAGYQMPDGTIRGDAATLEFTQLCIDLGWKPRYGRFDVLPLVLQA
DGQDPEVFEIPPDLVLEVTMEHPKYEWFQELGLKWYALPAVANMLLEVGGLEFPACPFNGWYMGTEIGVRDFCDTQRYNI
LEEVGRRMGLETHTLASLWKDRAVTEINVAVLHSFQKQNVTIMDHHTASESFMKHMQNEYRARGGCPADWIWLVPPVSGS
ITPVFHQEMLNYVLSPFYYYQIEPWKTHIWQNE
;
_entity_poly.pdbx_strand_id   A,B
#
# COMPACT_ATOMS: atom_id res chain seq x y z
N GLN A 12 -14.54 -51.92 -19.41
CA GLN A 12 -15.87 -51.43 -19.74
C GLN A 12 -15.89 -49.96 -20.30
N TYR A 13 -17.09 -49.43 -20.56
CA TYR A 13 -17.31 -48.06 -21.07
C TYR A 13 -18.49 -47.36 -20.38
N VAL A 14 -18.56 -46.02 -20.54
CA VAL A 14 -19.69 -45.22 -20.08
C VAL A 14 -20.37 -44.73 -21.34
N ARG A 15 -21.67 -45.01 -21.47
CA ARG A 15 -22.50 -44.62 -22.61
C ARG A 15 -22.82 -43.11 -22.48
N ILE A 16 -22.53 -42.36 -23.57
CA ILE A 16 -22.68 -40.90 -23.67
C ILE A 16 -23.62 -40.58 -24.83
N LYS A 17 -24.63 -39.74 -24.58
CA LYS A 17 -25.59 -39.41 -25.64
C LYS A 17 -25.54 -37.96 -26.12
N ASN A 18 -25.62 -37.76 -27.45
CA ASN A 18 -25.76 -36.43 -28.05
C ASN A 18 -27.24 -36.35 -28.44
N TRP A 19 -28.01 -35.67 -27.63
CA TRP A 19 -29.46 -35.51 -27.78
C TRP A 19 -29.93 -34.75 -29.01
N GLY A 20 -29.04 -34.00 -29.64
CA GLY A 20 -29.37 -33.22 -30.82
C GLY A 20 -29.42 -34.07 -32.07
N SER A 21 -28.45 -35.00 -32.20
CA SER A 21 -28.28 -35.90 -33.34
C SER A 21 -28.61 -37.36 -33.00
N GLY A 22 -28.97 -37.63 -31.74
CA GLY A 22 -29.27 -38.96 -31.25
C GLY A 22 -28.07 -39.88 -31.10
N GLU A 23 -26.91 -39.45 -31.64
CA GLU A 23 -25.63 -40.17 -31.66
C GLU A 23 -25.16 -40.63 -30.27
N ILE A 24 -24.54 -41.83 -30.23
CA ILE A 24 -24.05 -42.44 -28.99
C ILE A 24 -22.55 -42.72 -29.11
N LEU A 25 -21.84 -42.47 -28.00
CA LEU A 25 -20.41 -42.72 -27.89
C LEU A 25 -20.13 -43.49 -26.62
N HIS A 26 -19.02 -44.26 -26.62
CA HIS A 26 -18.62 -45.09 -25.47
C HIS A 26 -17.29 -44.65 -24.92
N ASP A 27 -17.31 -44.09 -23.69
CA ASP A 27 -16.08 -43.61 -23.07
C ASP A 27 -15.30 -44.72 -22.39
N THR A 28 -14.10 -44.96 -22.90
CA THR A 28 -13.15 -45.94 -22.38
C THR A 28 -12.07 -45.18 -21.56
N LEU A 29 -11.57 -44.05 -22.13
CA LEU A 29 -10.52 -43.17 -21.64
C LEU A 29 -10.59 -42.75 -20.19
N HIS A 30 -11.80 -42.63 -19.61
CA HIS A 30 -11.99 -42.28 -18.19
C HIS A 30 -11.27 -43.25 -17.20
N HIS A 31 -10.88 -44.45 -17.67
CA HIS A 31 -10.15 -45.43 -16.86
C HIS A 31 -8.71 -44.98 -16.62
N LYS A 32 -8.19 -44.06 -17.49
CA LYS A 32 -6.85 -43.48 -17.38
C LYS A 32 -6.82 -42.26 -16.40
N ALA A 33 -7.98 -41.91 -15.80
CA ALA A 33 -8.13 -40.79 -14.85
C ALA A 33 -7.29 -40.98 -13.57
N THR A 34 -7.13 -39.90 -12.80
CA THR A 34 -6.28 -39.83 -11.62
C THR A 34 -6.96 -40.06 -10.24
N CYS A 44 -22.17 -33.97 -5.90
CA CYS A 44 -21.48 -33.29 -7.00
C CYS A 44 -21.07 -31.87 -6.64
N LEU A 45 -19.83 -31.51 -7.07
CA LEU A 45 -19.17 -30.22 -6.87
C LEU A 45 -18.71 -29.62 -8.21
N GLY A 46 -19.39 -30.01 -9.30
CA GLY A 46 -19.14 -29.63 -10.70
C GLY A 46 -19.15 -28.14 -11.03
N SER A 47 -20.11 -27.37 -10.44
CA SER A 47 -20.22 -25.92 -10.69
C SER A 47 -19.22 -25.05 -9.88
N ILE A 48 -18.22 -25.67 -9.22
CA ILE A 48 -17.19 -24.94 -8.46
C ILE A 48 -16.11 -24.52 -9.44
N MET A 49 -15.69 -23.26 -9.36
CA MET A 49 -14.70 -22.70 -10.27
C MET A 49 -13.28 -23.20 -10.04
N ASN A 50 -12.80 -23.14 -8.78
CA ASN A 50 -11.46 -23.54 -8.42
C ASN A 50 -11.50 -24.66 -7.39
N PRO A 51 -12.00 -25.87 -7.75
CA PRO A 51 -12.03 -26.95 -6.75
C PRO A 51 -10.61 -27.45 -6.48
N LYS A 52 -10.39 -28.02 -5.28
CA LYS A 52 -9.11 -28.56 -4.87
C LYS A 52 -8.65 -29.66 -5.83
N SER A 53 -9.62 -30.40 -6.41
CA SER A 53 -9.33 -31.49 -7.37
C SER A 53 -8.65 -30.97 -8.64
N LEU A 54 -8.83 -29.69 -8.94
CA LEU A 54 -8.29 -28.98 -10.11
C LEU A 54 -7.07 -28.11 -9.75
N THR A 55 -6.68 -28.07 -8.46
CA THR A 55 -5.55 -27.30 -7.95
C THR A 55 -4.36 -28.19 -7.61
N ARG A 56 -3.16 -27.65 -7.82
CA ARG A 56 -1.90 -28.30 -7.47
C ARG A 56 -1.15 -27.23 -6.68
N GLY A 57 -1.15 -27.41 -5.36
CA GLY A 57 -0.58 -26.46 -4.39
C GLY A 57 0.91 -26.49 -4.21
N PRO A 58 1.45 -25.68 -3.26
CA PRO A 58 2.91 -25.64 -3.04
C PRO A 58 3.50 -26.86 -2.34
N ARG A 59 4.85 -26.91 -2.29
CA ARG A 59 5.65 -27.96 -1.67
C ARG A 59 6.82 -27.35 -0.88
N ASP A 60 7.23 -28.03 0.22
CA ASP A 60 8.35 -27.69 1.12
C ASP A 60 9.57 -28.61 0.82
N LYS A 61 9.28 -29.80 0.27
CA LYS A 61 10.24 -30.84 -0.08
C LYS A 61 9.96 -31.42 -1.47
N PRO A 62 10.94 -32.04 -2.15
CA PRO A 62 10.65 -32.66 -3.45
C PRO A 62 9.66 -33.82 -3.34
N THR A 63 9.05 -34.17 -4.46
CA THR A 63 8.05 -35.23 -4.48
C THR A 63 8.60 -36.63 -4.12
N PRO A 64 7.96 -37.32 -3.13
CA PRO A 64 8.41 -38.67 -2.73
C PRO A 64 8.60 -39.61 -3.90
N LEU A 65 9.70 -40.37 -3.88
CA LEU A 65 10.06 -41.31 -4.94
C LEU A 65 8.94 -42.30 -5.25
N GLU A 66 8.23 -42.74 -4.21
CA GLU A 66 7.12 -43.69 -4.25
C GLU A 66 6.02 -43.22 -5.21
N GLU A 67 5.76 -41.88 -5.26
CA GLU A 67 4.78 -41.29 -6.17
C GLU A 67 5.37 -40.74 -7.48
N LEU A 68 6.61 -40.16 -7.46
CA LEU A 68 7.33 -39.64 -8.63
C LEU A 68 7.62 -40.72 -9.69
N LEU A 69 8.34 -41.78 -9.30
CA LEU A 69 8.76 -42.88 -10.16
C LEU A 69 7.65 -43.57 -10.97
N PRO A 70 6.51 -44.02 -10.37
CA PRO A 70 5.46 -44.63 -11.20
C PRO A 70 4.87 -43.64 -12.21
N HIS A 71 4.59 -42.38 -11.81
CA HIS A 71 4.10 -41.29 -12.67
C HIS A 71 5.06 -41.05 -13.90
N ALA A 72 6.38 -40.97 -13.61
CA ALA A 72 7.44 -40.82 -14.60
C ALA A 72 7.41 -41.93 -15.68
N ILE A 73 7.33 -43.21 -15.23
CA ILE A 73 7.29 -44.37 -16.09
C ILE A 73 6.09 -44.30 -17.00
N GLU A 74 4.91 -43.99 -16.43
CA GLU A 74 3.65 -43.86 -17.17
C GLU A 74 3.80 -42.81 -18.29
N PHE A 75 4.45 -41.65 -17.99
CA PHE A 75 4.66 -40.61 -18.98
C PHE A 75 5.54 -41.10 -20.12
N ILE A 76 6.71 -41.69 -19.78
CA ILE A 76 7.65 -42.25 -20.76
C ILE A 76 6.93 -43.26 -21.68
N ASN A 77 6.09 -44.11 -21.10
CA ASN A 77 5.30 -45.09 -21.85
C ASN A 77 4.32 -44.41 -22.80
N GLN A 78 3.62 -43.37 -22.33
CA GLN A 78 2.67 -42.54 -23.07
C GLN A 78 3.38 -41.86 -24.20
N TYR A 79 4.55 -41.26 -23.90
CA TYR A 79 5.37 -40.59 -24.90
C TYR A 79 5.78 -41.55 -26.03
N TYR A 80 6.43 -42.68 -25.69
CA TYR A 80 6.85 -43.67 -26.68
C TYR A 80 5.68 -44.35 -27.39
N GLY A 81 4.59 -44.56 -26.66
CA GLY A 81 3.39 -45.17 -27.23
C GLY A 81 2.62 -44.29 -28.21
N SER A 82 2.95 -42.99 -28.27
CA SER A 82 2.31 -42.02 -29.14
C SER A 82 2.91 -42.07 -30.55
N PHE A 83 4.13 -42.61 -30.67
CA PHE A 83 4.86 -42.76 -31.93
C PHE A 83 4.08 -43.63 -32.89
N LYS A 84 4.01 -43.18 -34.15
CA LYS A 84 3.33 -43.86 -35.28
C LYS A 84 4.12 -45.15 -35.62
N GLU A 85 5.48 -45.03 -35.55
CA GLU A 85 6.45 -46.09 -35.76
C GLU A 85 7.18 -46.26 -34.43
N ALA A 86 6.83 -47.31 -33.65
CA ALA A 86 7.37 -47.59 -32.32
C ALA A 86 8.87 -47.84 -32.29
N LYS A 87 9.55 -47.30 -31.26
CA LYS A 87 11.01 -47.45 -31.06
C LYS A 87 11.31 -48.06 -29.68
N ILE A 88 11.12 -49.38 -29.58
CA ILE A 88 11.28 -50.18 -28.36
C ILE A 88 12.65 -50.03 -27.70
N GLU A 89 13.74 -50.05 -28.50
CA GLU A 89 15.10 -49.90 -27.98
C GLU A 89 15.24 -48.60 -27.21
N GLU A 90 14.85 -47.46 -27.83
CA GLU A 90 14.88 -46.12 -27.26
C GLU A 90 14.00 -45.98 -26.02
N HIS A 91 12.78 -46.55 -26.10
CA HIS A 91 11.76 -46.58 -25.05
C HIS A 91 12.29 -47.18 -23.74
N LEU A 92 12.83 -48.41 -23.83
CA LEU A 92 13.39 -49.17 -22.71
C LEU A 92 14.64 -48.52 -22.18
N ALA A 93 15.49 -48.01 -23.08
CA ALA A 93 16.68 -47.27 -22.70
C ALA A 93 16.31 -46.01 -21.89
N ARG A 94 15.30 -45.22 -22.35
CA ARG A 94 14.80 -44.02 -21.69
C ARG A 94 14.15 -44.38 -20.36
N LEU A 95 13.36 -45.49 -20.35
CA LEU A 95 12.73 -46.01 -19.11
C LEU A 95 13.79 -46.30 -18.08
N GLU A 96 14.85 -46.99 -18.51
CA GLU A 96 16.00 -47.29 -17.67
C GLU A 96 16.67 -46.02 -17.15
N ALA A 97 17.01 -45.09 -18.07
CA ALA A 97 17.68 -43.86 -17.71
C ALA A 97 16.91 -43.03 -16.69
N VAL A 98 15.60 -42.82 -16.94
CA VAL A 98 14.73 -42.03 -16.07
C VAL A 98 14.63 -42.60 -14.64
N THR A 99 14.47 -43.94 -14.54
CA THR A 99 14.37 -44.71 -13.30
C THR A 99 15.63 -44.49 -12.48
N LYS A 100 16.80 -44.68 -13.13
CA LYS A 100 18.11 -44.49 -12.53
C LYS A 100 18.26 -43.05 -12.07
N GLU A 101 17.78 -42.10 -12.90
CA GLU A 101 17.83 -40.66 -12.62
C GLU A 101 17.04 -40.31 -11.36
N ILE A 102 15.76 -40.73 -11.28
CA ILE A 102 14.89 -40.51 -10.11
C ILE A 102 15.47 -41.19 -8.84
N GLU A 103 15.85 -42.51 -8.92
CA GLU A 103 16.42 -43.27 -7.80
C GLU A 103 17.70 -42.64 -7.21
N THR A 104 18.58 -42.11 -8.09
CA THR A 104 19.84 -41.51 -7.63
C THR A 104 19.78 -40.01 -7.29
N THR A 105 19.05 -39.20 -8.09
CA THR A 105 18.98 -37.73 -7.88
C THR A 105 17.71 -37.25 -7.16
N GLY A 106 16.68 -38.08 -7.15
CA GLY A 106 15.41 -37.74 -6.55
C GLY A 106 14.47 -37.00 -7.47
N THR A 107 14.88 -36.85 -8.75
CA THR A 107 14.14 -36.14 -9.81
C THR A 107 14.65 -36.55 -11.19
N TYR A 108 14.09 -35.90 -12.23
CA TYR A 108 14.47 -36.11 -13.60
C TYR A 108 14.13 -34.92 -14.49
N GLN A 109 14.84 -34.87 -15.64
CA GLN A 109 14.73 -33.85 -16.67
C GLN A 109 14.13 -34.44 -17.92
N LEU A 110 13.12 -33.75 -18.47
CA LEU A 110 12.50 -34.18 -19.73
C LEU A 110 13.40 -33.82 -20.91
N THR A 111 13.21 -34.51 -22.03
CA THR A 111 13.89 -34.09 -23.24
C THR A 111 12.98 -32.97 -23.82
N LEU A 112 13.49 -32.14 -24.75
CA LEU A 112 12.68 -31.10 -25.40
C LEU A 112 11.48 -31.77 -26.06
N ASP A 113 11.74 -32.89 -26.76
CA ASP A 113 10.72 -33.64 -27.48
C ASP A 113 9.61 -34.11 -26.55
N GLU A 114 9.98 -34.61 -25.35
CA GLU A 114 9.05 -35.03 -24.31
C GLU A 114 8.29 -33.82 -23.77
N LEU A 115 8.97 -32.69 -23.55
CA LEU A 115 8.29 -31.48 -23.09
C LEU A 115 7.25 -30.96 -24.11
N ILE A 116 7.63 -30.88 -25.39
CA ILE A 116 6.72 -30.46 -26.48
C ILE A 116 5.46 -31.35 -26.44
N PHE A 117 5.67 -32.68 -26.37
CA PHE A 117 4.60 -33.67 -26.29
C PHE A 117 3.70 -33.41 -25.09
N ALA A 118 4.31 -33.17 -23.91
CA ALA A 118 3.61 -32.94 -22.64
C ALA A 118 2.68 -31.73 -22.69
N THR A 119 3.17 -30.60 -23.29
CA THR A 119 2.41 -29.36 -23.40
C THR A 119 1.14 -29.52 -24.24
N LYS A 120 1.25 -30.25 -25.39
CA LYS A 120 0.12 -30.53 -26.31
C LYS A 120 -0.84 -31.47 -25.68
N MET A 121 -0.33 -32.54 -25.04
CA MET A 121 -1.17 -33.52 -24.33
C MET A 121 -1.98 -32.86 -23.24
N ALA A 122 -1.35 -31.94 -22.46
CA ALA A 122 -2.00 -31.24 -21.38
C ALA A 122 -3.09 -30.35 -21.87
N TRP A 123 -2.91 -29.79 -23.07
CA TRP A 123 -3.91 -28.96 -23.73
C TRP A 123 -5.03 -29.87 -24.21
N ARG A 124 -4.65 -30.98 -24.89
CA ARG A 124 -5.60 -32.02 -25.32
C ARG A 124 -6.48 -32.52 -24.15
N ASN A 125 -5.90 -32.53 -22.91
CA ASN A 125 -6.56 -32.99 -21.69
C ASN A 125 -7.17 -31.87 -20.89
N ALA A 126 -7.26 -30.62 -21.43
CA ALA A 126 -7.85 -29.51 -20.69
C ALA A 126 -9.37 -29.57 -20.82
N PRO A 127 -10.12 -30.12 -19.85
CA PRO A 127 -11.58 -30.25 -20.04
C PRO A 127 -12.39 -29.00 -20.25
N ARG A 128 -11.83 -27.87 -19.84
CA ARG A 128 -12.51 -26.57 -19.89
C ARG A 128 -12.19 -25.79 -21.20
N CYS A 129 -11.37 -26.38 -22.13
CA CYS A 129 -10.97 -25.72 -23.38
C CYS A 129 -11.79 -26.11 -24.57
N ILE A 130 -12.45 -25.14 -25.22
CA ILE A 130 -13.23 -25.37 -26.44
C ILE A 130 -12.35 -25.39 -27.70
N GLY A 131 -11.12 -24.86 -27.61
CA GLY A 131 -10.23 -24.75 -28.76
C GLY A 131 -9.33 -25.92 -29.03
N ARG A 132 -9.59 -27.06 -28.35
CA ARG A 132 -8.78 -28.27 -28.45
C ARG A 132 -8.54 -28.90 -29.81
N ILE A 133 -9.36 -28.61 -30.85
CA ILE A 133 -9.08 -29.19 -32.16
C ILE A 133 -7.64 -28.81 -32.62
N GLN A 134 -7.16 -27.69 -32.09
CA GLN A 134 -5.86 -27.09 -32.35
C GLN A 134 -4.70 -27.70 -31.56
N TRP A 135 -5.00 -28.54 -30.54
CA TRP A 135 -4.05 -29.17 -29.60
C TRP A 135 -2.65 -29.52 -30.10
N SER A 136 -2.52 -29.98 -31.35
CA SER A 136 -1.22 -30.36 -31.92
C SER A 136 -0.44 -29.16 -32.45
N ASN A 137 -1.12 -28.02 -32.65
CA ASN A 137 -0.51 -26.80 -33.17
C ASN A 137 -0.14 -25.83 -32.04
N LEU A 138 1.05 -26.05 -31.46
CA LEU A 138 1.55 -25.27 -30.33
C LEU A 138 3.03 -25.04 -30.42
N GLN A 139 3.44 -23.77 -30.34
CA GLN A 139 4.85 -23.41 -30.33
C GLN A 139 5.28 -23.46 -28.87
N VAL A 140 6.43 -24.09 -28.65
CA VAL A 140 6.97 -24.33 -27.32
C VAL A 140 8.28 -23.59 -27.20
N PHE A 141 8.33 -22.64 -26.25
CA PHE A 141 9.55 -21.92 -25.90
C PHE A 141 10.09 -22.55 -24.62
N ASP A 142 11.24 -23.20 -24.73
CA ASP A 142 11.94 -23.87 -23.63
C ASP A 142 12.77 -22.81 -22.86
N ALA A 143 12.26 -22.39 -21.70
CA ALA A 143 12.92 -21.43 -20.83
C ALA A 143 13.33 -22.11 -19.50
N ARG A 144 13.59 -23.43 -19.53
CA ARG A 144 13.98 -24.24 -18.34
C ARG A 144 15.37 -23.88 -17.74
N ASN A 145 16.18 -23.13 -18.50
CA ASN A 145 17.52 -22.64 -18.16
C ASN A 145 17.46 -21.23 -17.52
N CYS A 146 16.27 -20.63 -17.47
CA CYS A 146 16.02 -19.30 -16.92
C CYS A 146 16.45 -19.23 -15.45
N SER A 147 17.05 -18.11 -15.02
CA SER A 147 17.43 -18.00 -13.60
C SER A 147 16.96 -16.73 -12.91
N THR A 148 16.77 -15.64 -13.65
CA THR A 148 16.35 -14.36 -13.08
C THR A 148 15.01 -13.87 -13.59
N ALA A 149 14.34 -13.00 -12.83
CA ALA A 149 13.07 -12.34 -13.22
C ALA A 149 13.25 -11.51 -14.51
N GLN A 150 14.43 -10.90 -14.74
CA GLN A 150 14.72 -10.13 -15.95
C GLN A 150 14.73 -11.06 -17.18
N GLU A 151 15.25 -12.29 -17.01
CA GLU A 151 15.27 -13.29 -18.08
C GLU A 151 13.85 -13.79 -18.34
N MET A 152 13.02 -13.93 -17.26
CA MET A 152 11.62 -14.35 -17.33
C MET A 152 10.86 -13.33 -18.18
N PHE A 153 11.09 -12.04 -17.90
CA PHE A 153 10.53 -10.90 -18.60
C PHE A 153 10.85 -10.94 -20.08
N GLN A 154 12.09 -11.28 -20.41
CA GLN A 154 12.52 -11.37 -21.81
C GLN A 154 11.83 -12.50 -22.53
N HIS A 155 11.60 -13.63 -21.82
CA HIS A 155 10.93 -14.81 -22.36
C HIS A 155 9.45 -14.51 -22.60
N ILE A 156 8.81 -13.80 -21.66
CA ILE A 156 7.41 -13.39 -21.77
C ILE A 156 7.21 -12.43 -22.94
N CYS A 157 8.13 -11.47 -23.13
CA CYS A 157 8.09 -10.51 -24.24
C CYS A 157 8.19 -11.23 -25.57
N ARG A 158 9.15 -12.15 -25.69
CA ARG A 158 9.33 -12.94 -26.91
C ARG A 158 8.03 -13.75 -27.22
N HIS A 159 7.41 -14.30 -26.18
CA HIS A 159 6.17 -15.05 -26.27
C HIS A 159 5.05 -14.12 -26.80
N ILE A 160 4.80 -12.98 -26.13
CA ILE A 160 3.80 -11.98 -26.54
C ILE A 160 3.99 -11.60 -28.00
N LEU A 161 5.23 -11.29 -28.37
CA LEU A 161 5.63 -10.92 -29.72
C LEU A 161 5.33 -12.01 -30.73
N TYR A 162 5.78 -13.25 -30.48
CA TYR A 162 5.55 -14.38 -31.39
C TYR A 162 4.05 -14.66 -31.53
N ALA A 163 3.36 -14.80 -30.39
CA ALA A 163 1.94 -15.13 -30.34
C ALA A 163 1.08 -14.09 -31.01
N THR A 164 1.34 -12.76 -30.75
CA THR A 164 0.60 -11.63 -31.35
C THR A 164 0.65 -11.63 -32.87
N ASN A 165 1.86 -11.75 -33.43
CA ASN A 165 2.14 -11.86 -34.86
C ASN A 165 1.35 -10.84 -35.72
N ASN A 166 1.24 -9.58 -35.23
CA ASN A 166 0.51 -8.51 -35.92
C ASN A 166 -1.01 -8.84 -36.13
N GLY A 167 -1.60 -9.54 -35.16
CA GLY A 167 -2.99 -9.96 -35.24
C GLY A 167 -3.19 -11.35 -35.83
N ASN A 168 -2.18 -11.92 -36.51
CA ASN A 168 -2.34 -13.30 -37.00
C ASN A 168 -1.93 -14.26 -35.82
N ILE A 169 -2.80 -14.31 -34.77
CA ILE A 169 -2.60 -15.02 -33.52
C ILE A 169 -2.17 -16.47 -33.65
N ARG A 170 -1.08 -16.80 -32.95
CA ARG A 170 -0.48 -18.14 -32.90
C ARG A 170 -0.47 -18.62 -31.44
N SER A 171 -0.84 -19.88 -31.24
CA SER A 171 -0.82 -20.52 -29.91
C SER A 171 0.62 -20.85 -29.55
N ALA A 172 1.00 -20.42 -28.34
CA ALA A 172 2.35 -20.68 -27.83
C ALA A 172 2.32 -20.99 -26.34
N ILE A 173 3.44 -21.56 -25.85
CA ILE A 173 3.68 -21.85 -24.42
C ILE A 173 5.15 -21.63 -24.11
N THR A 174 5.41 -20.94 -22.99
CA THR A 174 6.77 -20.75 -22.46
C THR A 174 6.89 -21.59 -21.20
N VAL A 175 7.78 -22.55 -21.20
CA VAL A 175 7.95 -23.45 -20.08
C VAL A 175 9.18 -23.02 -19.29
N PHE A 176 8.95 -22.50 -18.09
CA PHE A 176 9.99 -22.06 -17.15
C PHE A 176 10.54 -23.25 -16.30
N PRO A 177 11.59 -23.10 -15.46
CA PRO A 177 12.13 -24.28 -14.76
C PRO A 177 11.14 -24.98 -13.85
N GLN A 178 11.14 -26.34 -13.87
CA GLN A 178 10.26 -27.17 -13.04
C GLN A 178 10.52 -26.96 -11.56
N ARG A 179 9.50 -27.24 -10.76
CA ARG A 179 9.61 -27.15 -9.29
C ARG A 179 10.65 -28.18 -8.82
N SER A 180 11.58 -27.76 -7.94
CA SER A 180 12.63 -28.63 -7.41
C SER A 180 12.24 -29.06 -5.98
N ASP A 181 12.44 -28.19 -4.99
CA ASP A 181 12.06 -28.47 -3.60
C ASP A 181 10.75 -27.76 -3.24
N GLY A 182 10.33 -26.83 -4.09
CA GLY A 182 9.14 -26.04 -3.87
C GLY A 182 9.45 -24.73 -3.18
N LYS A 183 10.73 -24.51 -2.84
CA LYS A 183 11.22 -23.29 -2.17
C LYS A 183 11.93 -22.40 -3.21
N HIS A 184 12.01 -22.87 -4.46
CA HIS A 184 12.65 -22.18 -5.59
C HIS A 184 11.72 -22.05 -6.78
N ASP A 185 10.41 -21.96 -6.53
CA ASP A 185 9.40 -21.85 -7.59
C ASP A 185 9.52 -20.59 -8.42
N PHE A 186 9.36 -20.75 -9.73
CA PHE A 186 9.22 -19.71 -10.73
C PHE A 186 7.68 -19.55 -10.81
N ARG A 187 7.21 -18.30 -10.70
CA ARG A 187 5.79 -17.97 -10.71
C ARG A 187 5.52 -16.64 -11.40
N LEU A 188 4.37 -16.57 -12.09
CA LEU A 188 3.86 -15.36 -12.71
C LEU A 188 2.69 -15.07 -11.79
N TRP A 189 2.73 -13.91 -11.15
CA TRP A 189 1.70 -13.54 -10.19
C TRP A 189 0.42 -13.08 -10.86
N ASN A 190 0.51 -12.71 -12.13
CA ASN A 190 -0.62 -12.32 -12.95
C ASN A 190 -1.49 -13.53 -13.26
N SER A 191 -2.77 -13.24 -13.53
CA SER A 191 -3.81 -14.14 -13.96
C SER A 191 -3.53 -14.43 -15.42
N GLN A 192 -3.22 -13.37 -16.16
CA GLN A 192 -3.03 -13.39 -17.59
C GLN A 192 -1.81 -12.56 -17.96
N LEU A 193 -1.19 -12.85 -19.12
CA LEU A 193 -0.05 -12.08 -19.60
C LEU A 193 -0.48 -10.63 -19.81
N ILE A 194 -1.61 -10.43 -20.51
CA ILE A 194 -2.20 -9.11 -20.74
C ILE A 194 -3.58 -9.02 -20.07
N ARG A 195 -3.78 -7.98 -19.24
CA ARG A 195 -5.01 -7.75 -18.50
C ARG A 195 -5.01 -6.31 -18.01
N TYR A 196 -6.21 -5.71 -17.87
CA TYR A 196 -6.36 -4.33 -17.45
C TYR A 196 -6.52 -4.18 -15.95
N ALA A 197 -6.02 -3.05 -15.43
CA ALA A 197 -6.10 -2.71 -14.02
C ALA A 197 -7.51 -2.26 -13.66
N GLY A 198 -7.88 -2.51 -12.41
CA GLY A 198 -9.16 -2.14 -11.83
C GLY A 198 -8.95 -1.34 -10.57
N TYR A 199 -9.52 -0.14 -10.53
CA TYR A 199 -9.37 0.78 -9.41
C TYR A 199 -10.67 1.04 -8.67
N GLN A 200 -10.60 1.07 -7.32
CA GLN A 200 -11.71 1.45 -6.45
C GLN A 200 -11.55 2.97 -6.39
N MET A 201 -12.55 3.70 -6.87
CA MET A 201 -12.47 5.15 -6.93
C MET A 201 -12.87 5.82 -5.61
N PRO A 202 -12.42 7.09 -5.34
CA PRO A 202 -12.86 7.78 -4.11
C PRO A 202 -14.40 7.88 -4.08
N ASP A 203 -15.01 8.08 -5.28
CA ASP A 203 -16.46 8.16 -5.57
C ASP A 203 -17.26 6.93 -5.11
N GLY A 204 -16.55 5.85 -4.78
CA GLY A 204 -17.13 4.56 -4.39
C GLY A 204 -17.28 3.66 -5.61
N THR A 205 -17.14 4.26 -6.81
CA THR A 205 -17.24 3.63 -8.12
C THR A 205 -15.99 2.79 -8.38
N ILE A 206 -16.04 1.96 -9.43
CA ILE A 206 -14.89 1.16 -9.85
C ILE A 206 -14.52 1.53 -11.27
N ARG A 207 -13.23 1.77 -11.52
CA ARG A 207 -12.73 2.10 -12.85
C ARG A 207 -11.91 0.96 -13.45
N GLY A 208 -12.20 0.64 -14.70
CA GLY A 208 -11.55 -0.43 -15.46
C GLY A 208 -12.10 -1.80 -15.15
N ASP A 209 -11.20 -2.78 -15.06
CA ASP A 209 -11.51 -4.19 -14.79
C ASP A 209 -11.73 -4.52 -13.31
N ALA A 210 -12.99 -4.52 -12.86
CA ALA A 210 -13.37 -4.86 -11.49
C ALA A 210 -12.84 -6.21 -11.02
N ALA A 211 -12.52 -7.11 -11.96
CA ALA A 211 -12.00 -8.43 -11.62
C ALA A 211 -10.53 -8.43 -11.14
N THR A 212 -9.78 -7.33 -11.38
CA THR A 212 -8.37 -7.22 -10.98
C THR A 212 -8.13 -6.24 -9.83
N LEU A 213 -9.18 -5.90 -9.06
CA LEU A 213 -9.09 -4.94 -7.96
C LEU A 213 -7.96 -5.23 -6.96
N GLU A 214 -7.96 -6.48 -6.40
CA GLU A 214 -6.98 -6.98 -5.44
C GLU A 214 -5.58 -7.03 -6.06
N PHE A 215 -5.43 -7.68 -7.26
CA PHE A 215 -4.13 -7.77 -7.94
C PHE A 215 -3.57 -6.40 -8.32
N THR A 216 -4.44 -5.42 -8.70
CA THR A 216 -4.01 -4.05 -9.04
C THR A 216 -3.38 -3.43 -7.79
N GLN A 217 -4.04 -3.60 -6.62
CA GLN A 217 -3.51 -3.13 -5.34
C GLN A 217 -2.13 -3.72 -5.09
N LEU A 218 -1.99 -5.05 -5.25
CA LEU A 218 -0.71 -5.74 -5.12
C LEU A 218 0.40 -5.07 -5.95
N CYS A 219 0.10 -4.69 -7.20
CA CYS A 219 1.07 -4.03 -8.08
C CYS A 219 1.44 -2.65 -7.55
N ILE A 220 0.43 -1.87 -7.10
CA ILE A 220 0.60 -0.54 -6.54
C ILE A 220 1.48 -0.65 -5.29
N ASP A 221 1.16 -1.63 -4.42
CA ASP A 221 1.89 -1.97 -3.20
C ASP A 221 3.33 -2.40 -3.47
N LEU A 222 3.64 -2.85 -4.70
CA LEU A 222 4.99 -3.28 -5.08
C LEU A 222 5.71 -2.23 -5.94
N GLY A 223 5.15 -1.03 -5.96
CA GLY A 223 5.76 0.11 -6.65
C GLY A 223 5.31 0.42 -8.05
N TRP A 224 4.15 -0.14 -8.49
CA TRP A 224 3.68 0.18 -9.84
C TRP A 224 2.95 1.51 -9.80
N LYS A 225 3.25 2.38 -10.77
CA LYS A 225 2.62 3.70 -10.92
C LYS A 225 1.26 3.53 -11.65
N PRO A 226 0.13 3.63 -10.91
CA PRO A 226 -1.18 3.49 -11.57
C PRO A 226 -1.55 4.73 -12.36
N ARG A 227 -1.87 4.54 -13.66
CA ARG A 227 -2.23 5.63 -14.57
C ARG A 227 -3.71 6.00 -14.45
N TYR A 228 -4.43 5.35 -13.53
CA TYR A 228 -5.86 5.49 -13.23
C TYR A 228 -6.87 5.52 -14.39
N GLY A 229 -6.56 4.82 -15.48
CA GLY A 229 -7.42 4.67 -16.66
C GLY A 229 -8.40 3.51 -16.62
N ARG A 230 -9.20 3.37 -17.69
CA ARG A 230 -10.19 2.30 -17.83
C ARG A 230 -9.51 1.09 -18.46
N PHE A 231 -8.48 1.31 -19.30
CA PHE A 231 -7.77 0.25 -20.01
C PHE A 231 -6.26 0.28 -19.76
N ASP A 232 -5.86 0.36 -18.48
CA ASP A 232 -4.44 0.33 -18.12
C ASP A 232 -3.92 -1.10 -18.07
N VAL A 233 -2.99 -1.43 -18.96
CA VAL A 233 -2.38 -2.76 -19.00
C VAL A 233 -1.54 -2.96 -17.74
N LEU A 234 -1.90 -3.97 -16.96
CA LEU A 234 -1.22 -4.33 -15.72
C LEU A 234 0.25 -4.72 -15.95
N PRO A 235 1.13 -4.49 -14.94
CA PRO A 235 2.54 -4.88 -15.14
C PRO A 235 2.73 -6.39 -14.89
N LEU A 236 3.84 -6.95 -15.40
CA LEU A 236 4.22 -8.33 -15.14
C LEU A 236 4.80 -8.38 -13.73
N VAL A 237 4.33 -9.29 -12.88
CA VAL A 237 4.83 -9.48 -11.52
C VAL A 237 5.46 -10.86 -11.53
N LEU A 238 6.79 -10.88 -11.70
CA LEU A 238 7.59 -12.09 -11.89
C LEU A 238 8.46 -12.55 -10.71
N GLN A 239 8.28 -13.82 -10.31
CA GLN A 239 9.00 -14.51 -9.24
C GLN A 239 9.88 -15.57 -9.86
N ALA A 240 11.21 -15.40 -9.77
CA ALA A 240 12.17 -16.38 -10.27
C ALA A 240 12.83 -17.07 -9.10
N ASP A 241 13.11 -18.37 -9.25
CA ASP A 241 13.81 -19.17 -8.26
C ASP A 241 13.42 -18.91 -6.79
N GLY A 242 12.12 -18.83 -6.53
CA GLY A 242 11.60 -18.61 -5.18
C GLY A 242 11.81 -17.22 -4.58
N GLN A 243 12.54 -16.35 -5.31
CA GLN A 243 12.83 -14.99 -4.85
C GLN A 243 11.56 -14.13 -4.78
N ASP A 244 11.64 -12.95 -4.15
CA ASP A 244 10.51 -12.03 -4.06
C ASP A 244 10.16 -11.56 -5.48
N PRO A 245 8.86 -11.36 -5.80
CA PRO A 245 8.50 -10.95 -7.17
C PRO A 245 8.99 -9.56 -7.57
N GLU A 246 9.28 -9.40 -8.85
CA GLU A 246 9.69 -8.13 -9.43
C GLU A 246 8.67 -7.66 -10.47
N VAL A 247 8.38 -6.37 -10.46
CA VAL A 247 7.42 -5.69 -11.31
C VAL A 247 8.08 -5.20 -12.60
N PHE A 248 7.45 -5.51 -13.75
CA PHE A 248 7.91 -5.10 -15.09
C PHE A 248 6.72 -4.64 -15.95
N GLU A 249 6.85 -3.45 -16.56
CA GLU A 249 5.87 -2.85 -17.46
C GLU A 249 6.00 -3.57 -18.78
N ILE A 250 4.85 -3.97 -19.40
CA ILE A 250 4.94 -4.63 -20.70
C ILE A 250 5.19 -3.55 -21.78
N PRO A 251 6.26 -3.66 -22.58
CA PRO A 251 6.49 -2.67 -23.66
C PRO A 251 5.22 -2.47 -24.50
N PRO A 252 4.59 -1.26 -24.44
CA PRO A 252 3.31 -1.04 -25.16
C PRO A 252 3.23 -1.43 -26.61
N ASP A 253 4.36 -1.47 -27.33
CA ASP A 253 4.36 -1.89 -28.74
C ASP A 253 4.04 -3.38 -28.85
N LEU A 254 4.15 -4.11 -27.73
CA LEU A 254 3.90 -5.55 -27.70
C LEU A 254 2.43 -5.90 -27.45
N VAL A 255 1.63 -4.94 -26.90
CA VAL A 255 0.21 -5.07 -26.56
C VAL A 255 -0.71 -4.61 -27.72
N LEU A 256 -1.22 -5.56 -28.50
CA LEU A 256 -2.11 -5.27 -29.62
C LEU A 256 -3.51 -5.13 -29.11
N GLU A 257 -4.16 -4.04 -29.49
CA GLU A 257 -5.54 -3.75 -29.09
C GLU A 257 -6.48 -3.58 -30.28
N VAL A 258 -7.75 -3.93 -30.03
CA VAL A 258 -8.83 -3.83 -31.00
C VAL A 258 -9.81 -2.82 -30.45
N THR A 259 -10.03 -1.72 -31.18
CA THR A 259 -10.97 -0.68 -30.74
C THR A 259 -12.36 -1.12 -31.20
N MET A 260 -13.32 -1.05 -30.29
CA MET A 260 -14.67 -1.51 -30.58
C MET A 260 -15.51 -0.53 -31.37
N GLU A 261 -16.03 -1.02 -32.50
CA GLU A 261 -16.99 -0.34 -33.37
C GLU A 261 -18.06 -1.33 -33.90
N HIS A 262 -19.32 -0.85 -34.07
CA HIS A 262 -20.45 -1.63 -34.62
C HIS A 262 -20.54 -1.38 -36.12
N PRO A 263 -20.82 -2.40 -36.95
CA PRO A 263 -20.91 -2.16 -38.41
C PRO A 263 -22.11 -1.30 -38.85
N LYS A 264 -23.09 -1.05 -37.94
CA LYS A 264 -24.26 -0.25 -38.25
C LYS A 264 -24.47 0.90 -37.29
N TYR A 265 -24.07 0.77 -36.01
CA TYR A 265 -24.24 1.85 -35.04
C TYR A 265 -22.97 2.68 -34.92
N GLU A 266 -23.02 3.92 -35.42
CA GLU A 266 -21.89 4.84 -35.38
C GLU A 266 -21.54 5.24 -33.95
N TRP A 267 -22.55 5.30 -33.06
CA TRP A 267 -22.40 5.64 -31.64
C TRP A 267 -21.64 4.59 -30.84
N PHE A 268 -21.46 3.36 -31.37
CA PHE A 268 -20.75 2.29 -30.66
C PHE A 268 -19.32 2.69 -30.31
N GLN A 269 -18.61 3.34 -31.27
CA GLN A 269 -17.24 3.86 -31.10
C GLN A 269 -17.19 4.87 -29.93
N GLU A 270 -18.27 5.65 -29.74
CA GLU A 270 -18.41 6.65 -28.69
C GLU A 270 -18.42 6.05 -27.30
N LEU A 271 -18.56 4.73 -27.18
CA LEU A 271 -18.56 4.08 -25.84
C LEU A 271 -17.11 4.00 -25.34
N GLY A 272 -16.18 4.13 -26.28
CA GLY A 272 -14.74 4.15 -26.08
C GLY A 272 -14.21 2.83 -25.61
N LEU A 273 -14.68 1.74 -26.22
CA LEU A 273 -14.28 0.41 -25.82
C LEU A 273 -13.18 -0.15 -26.66
N LYS A 274 -12.29 -0.88 -25.98
CA LYS A 274 -11.20 -1.60 -26.62
C LYS A 274 -10.92 -2.87 -25.85
N TRP A 275 -10.19 -3.78 -26.48
CA TRP A 275 -9.75 -5.01 -25.84
C TRP A 275 -8.44 -5.46 -26.45
N TYR A 276 -7.64 -6.18 -25.66
CA TYR A 276 -6.38 -6.77 -26.14
C TYR A 276 -6.70 -8.01 -26.96
N ALA A 277 -5.94 -8.20 -28.01
CA ALA A 277 -6.01 -9.29 -28.96
C ALA A 277 -5.52 -10.61 -28.43
N LEU A 278 -4.66 -10.59 -27.38
CA LEU A 278 -4.01 -11.81 -26.87
C LEU A 278 -4.57 -12.44 -25.59
N PRO A 279 -5.26 -13.63 -25.72
CA PRO A 279 -5.77 -14.33 -24.52
C PRO A 279 -4.65 -15.27 -24.04
N ALA A 280 -3.92 -14.85 -23.00
CA ALA A 280 -2.81 -15.66 -22.51
C ALA A 280 -2.92 -15.95 -21.02
N VAL A 281 -3.04 -17.25 -20.63
CA VAL A 281 -3.14 -17.67 -19.22
C VAL A 281 -1.69 -17.64 -18.63
N ALA A 282 -1.48 -16.92 -17.50
CA ALA A 282 -0.15 -16.75 -16.90
C ALA A 282 0.15 -17.59 -15.64
N ASN A 283 -0.88 -18.00 -14.91
CA ASN A 283 -0.83 -18.61 -13.59
C ASN A 283 -1.05 -20.12 -13.38
N MET A 284 -1.08 -20.91 -14.46
CA MET A 284 -1.34 -22.32 -14.29
C MET A 284 -0.10 -23.18 -14.12
N LEU A 285 -0.28 -24.43 -13.64
CA LEU A 285 0.83 -25.34 -13.39
C LEU A 285 0.70 -26.51 -14.34
N LEU A 286 1.78 -26.87 -15.02
CA LEU A 286 1.81 -28.02 -15.93
C LEU A 286 2.36 -29.24 -15.15
N GLU A 287 1.56 -30.27 -15.04
CA GLU A 287 1.96 -31.50 -14.38
C GLU A 287 2.30 -32.48 -15.49
N VAL A 288 3.49 -33.09 -15.41
CA VAL A 288 3.91 -34.06 -16.40
C VAL A 288 4.80 -35.08 -15.76
N GLY A 289 4.38 -36.34 -15.77
CA GLY A 289 5.13 -37.47 -15.22
C GLY A 289 5.72 -37.25 -13.84
N GLY A 290 4.94 -36.63 -12.97
CA GLY A 290 5.35 -36.36 -11.61
C GLY A 290 6.00 -35.00 -11.45
N LEU A 291 6.50 -34.44 -12.56
CA LEU A 291 7.12 -33.11 -12.60
C LEU A 291 6.03 -32.04 -12.60
N GLU A 292 6.32 -30.91 -11.94
CA GLU A 292 5.42 -29.78 -11.86
C GLU A 292 6.14 -28.57 -12.39
N PHE A 293 5.49 -27.82 -13.30
CA PHE A 293 6.05 -26.58 -13.85
C PHE A 293 5.13 -25.45 -13.40
N PRO A 294 5.43 -24.81 -12.24
CA PRO A 294 4.52 -23.75 -11.73
C PRO A 294 4.47 -22.43 -12.50
N ALA A 295 5.33 -22.28 -13.53
CA ALA A 295 5.35 -21.11 -14.41
C ALA A 295 5.41 -21.61 -15.84
N CYS A 296 4.30 -21.53 -16.56
CA CYS A 296 4.18 -22.01 -17.95
C CYS A 296 3.08 -21.20 -18.69
N PRO A 297 3.30 -19.89 -18.93
CA PRO A 297 2.27 -19.09 -19.60
C PRO A 297 1.96 -19.63 -21.01
N PHE A 298 0.68 -19.65 -21.37
CA PHE A 298 0.21 -20.14 -22.67
C PHE A 298 -0.91 -19.28 -23.22
N ASN A 299 -1.12 -19.39 -24.54
CA ASN A 299 -2.19 -18.64 -25.19
C ASN A 299 -2.78 -19.35 -26.38
N GLY A 300 -3.98 -18.94 -26.74
CA GLY A 300 -4.64 -19.31 -27.98
C GLY A 300 -5.06 -18.01 -28.65
N TRP A 301 -6.26 -17.99 -29.22
CA TRP A 301 -6.90 -16.80 -29.80
C TRP A 301 -8.26 -16.70 -29.19
N TYR A 302 -8.87 -15.52 -29.26
CA TYR A 302 -10.16 -15.28 -28.63
C TYR A 302 -11.36 -15.95 -29.30
N MET A 303 -12.38 -16.18 -28.47
CA MET A 303 -13.69 -16.61 -28.87
C MET A 303 -14.51 -15.40 -28.45
N GLY A 304 -15.21 -14.80 -29.41
CA GLY A 304 -15.91 -13.51 -29.27
C GLY A 304 -16.71 -13.24 -28.01
N THR A 305 -17.46 -14.27 -27.57
CA THR A 305 -18.34 -14.18 -26.38
C THR A 305 -17.59 -13.92 -25.09
N GLU A 306 -16.28 -14.25 -25.05
CA GLU A 306 -15.45 -13.99 -23.88
C GLU A 306 -15.29 -12.45 -23.65
N ILE A 307 -14.93 -11.71 -24.70
CA ILE A 307 -14.88 -10.26 -24.61
C ILE A 307 -16.33 -9.68 -24.52
N GLY A 308 -17.16 -9.94 -25.55
CA GLY A 308 -18.50 -9.40 -25.68
C GLY A 308 -19.50 -9.66 -24.55
N VAL A 309 -19.50 -10.88 -24.03
CA VAL A 309 -20.46 -11.28 -23.01
C VAL A 309 -19.88 -11.16 -21.62
N ARG A 310 -18.73 -11.83 -21.36
CA ARG A 310 -18.08 -11.89 -20.05
C ARG A 310 -17.39 -10.61 -19.71
N ASP A 311 -16.40 -10.20 -20.52
CA ASP A 311 -15.62 -8.99 -20.25
C ASP A 311 -16.39 -7.67 -20.26
N PHE A 312 -17.35 -7.49 -21.22
CA PHE A 312 -18.16 -6.28 -21.33
C PHE A 312 -19.45 -6.26 -20.50
N CYS A 313 -20.17 -7.41 -20.41
CA CYS A 313 -21.50 -7.49 -19.74
C CYS A 313 -21.62 -8.00 -18.31
N ASP A 314 -20.60 -8.65 -17.75
CA ASP A 314 -20.70 -9.07 -16.35
C ASP A 314 -20.70 -7.85 -15.44
N THR A 315 -21.45 -7.91 -14.34
CA THR A 315 -21.50 -6.85 -13.36
C THR A 315 -20.14 -6.78 -12.62
N GLN A 316 -19.46 -7.93 -12.53
CA GLN A 316 -18.13 -8.05 -11.93
C GLN A 316 -16.98 -7.59 -12.87
N ARG A 317 -17.32 -7.10 -14.08
CA ARG A 317 -16.34 -6.61 -15.07
C ARG A 317 -16.70 -5.19 -15.54
N TYR A 318 -16.64 -4.94 -16.88
CA TYR A 318 -16.94 -3.64 -17.51
C TYR A 318 -18.41 -3.17 -17.48
N ASN A 319 -19.37 -4.10 -17.24
CA ASN A 319 -20.81 -3.90 -17.03
C ASN A 319 -21.49 -2.82 -17.92
N ILE A 320 -21.43 -2.99 -19.26
CA ILE A 320 -21.95 -2.04 -20.26
C ILE A 320 -23.39 -2.23 -20.79
N LEU A 321 -24.07 -3.37 -20.45
CA LEU A 321 -25.40 -3.74 -20.97
C LEU A 321 -26.46 -2.66 -21.04
N GLU A 322 -26.76 -2.00 -19.91
CA GLU A 322 -27.75 -0.92 -19.79
C GLU A 322 -27.50 0.24 -20.79
N GLU A 323 -26.24 0.75 -20.84
CA GLU A 323 -25.83 1.82 -21.76
C GLU A 323 -26.06 1.43 -23.22
N VAL A 324 -25.70 0.19 -23.63
CA VAL A 324 -25.92 -0.28 -25.01
C VAL A 324 -27.43 -0.39 -25.31
N GLY A 325 -28.20 -0.72 -24.28
CA GLY A 325 -29.65 -0.83 -24.34
C GLY A 325 -30.30 0.51 -24.63
N ARG A 326 -30.07 1.50 -23.70
CA ARG A 326 -30.55 2.89 -23.80
C ARG A 326 -30.28 3.46 -25.19
N ARG A 327 -29.01 3.33 -25.67
CA ARG A 327 -28.56 3.83 -26.96
C ARG A 327 -29.24 3.15 -28.16
N MET A 328 -29.81 1.95 -27.93
CA MET A 328 -30.56 1.23 -28.96
C MET A 328 -32.04 1.62 -28.88
N GLY A 329 -32.39 2.40 -27.84
CA GLY A 329 -33.74 2.89 -27.56
C GLY A 329 -34.66 1.75 -27.21
N LEU A 330 -34.37 1.08 -26.09
CA LEU A 330 -35.10 -0.10 -25.63
C LEU A 330 -35.63 0.06 -24.21
N GLU A 331 -36.57 -0.82 -23.82
CA GLU A 331 -37.23 -0.79 -22.52
C GLU A 331 -36.38 -1.37 -21.41
N THR A 332 -35.33 -0.63 -21.07
CA THR A 332 -34.29 -0.92 -20.07
C THR A 332 -34.84 -1.17 -18.64
N HIS A 333 -36.15 -0.95 -18.43
CA HIS A 333 -36.76 -1.17 -17.11
C HIS A 333 -37.75 -2.33 -17.02
N THR A 334 -38.03 -2.99 -18.16
CA THR A 334 -38.86 -4.17 -18.28
C THR A 334 -37.98 -5.35 -18.78
N LEU A 335 -37.68 -6.34 -17.88
CA LEU A 335 -36.88 -7.53 -18.20
C LEU A 335 -37.56 -8.34 -19.30
N ALA A 336 -38.91 -8.51 -19.18
CA ALA A 336 -39.75 -9.25 -20.14
C ALA A 336 -39.64 -8.78 -21.59
N SER A 337 -39.06 -7.58 -21.83
CA SER A 337 -38.88 -7.01 -23.17
C SER A 337 -37.77 -7.70 -23.95
N LEU A 338 -36.85 -8.39 -23.20
CA LEU A 338 -35.65 -9.07 -23.72
C LEU A 338 -34.61 -8.10 -24.31
N TRP A 339 -34.56 -6.88 -23.73
CA TRP A 339 -33.62 -5.82 -24.12
C TRP A 339 -32.19 -6.29 -23.94
N LYS A 340 -31.90 -7.05 -22.84
CA LYS A 340 -30.60 -7.60 -22.54
C LYS A 340 -30.12 -8.53 -23.62
N ASP A 341 -31.02 -9.35 -24.19
CA ASP A 341 -30.68 -10.31 -25.23
C ASP A 341 -30.38 -9.59 -26.52
N ARG A 342 -31.13 -8.51 -26.75
CA ARG A 342 -31.06 -7.66 -27.92
C ARG A 342 -29.70 -6.91 -27.95
N ALA A 343 -29.34 -6.28 -26.80
CA ALA A 343 -28.09 -5.54 -26.60
C ALA A 343 -26.87 -6.44 -26.69
N VAL A 344 -26.85 -7.57 -25.92
CA VAL A 344 -25.73 -8.52 -25.95
C VAL A 344 -25.33 -8.95 -27.36
N THR A 345 -26.32 -9.19 -28.23
CA THR A 345 -26.01 -9.61 -29.60
C THR A 345 -25.28 -8.52 -30.38
N GLU A 346 -25.70 -7.24 -30.21
CA GLU A 346 -25.05 -6.12 -30.89
C GLU A 346 -23.60 -5.97 -30.41
N ILE A 347 -23.38 -6.04 -29.08
CA ILE A 347 -22.05 -6.04 -28.47
C ILE A 347 -21.22 -7.18 -29.10
N ASN A 348 -21.82 -8.37 -29.25
CA ASN A 348 -21.13 -9.50 -29.85
C ASN A 348 -20.79 -9.31 -31.30
N VAL A 349 -21.69 -8.69 -32.10
CA VAL A 349 -21.36 -8.46 -33.52
C VAL A 349 -20.28 -7.38 -33.62
N ALA A 350 -20.31 -6.38 -32.70
CA ALA A 350 -19.34 -5.31 -32.65
C ALA A 350 -17.94 -5.93 -32.44
N VAL A 351 -17.80 -6.78 -31.38
CA VAL A 351 -16.55 -7.48 -31.07
C VAL A 351 -16.05 -8.23 -32.30
N LEU A 352 -16.91 -8.99 -32.94
CA LEU A 352 -16.55 -9.79 -34.11
C LEU A 352 -16.12 -8.98 -35.29
N HIS A 353 -16.92 -7.94 -35.60
CA HIS A 353 -16.71 -6.98 -36.66
C HIS A 353 -15.35 -6.23 -36.46
N SER A 354 -15.13 -5.69 -35.24
CA SER A 354 -13.92 -4.96 -34.89
C SER A 354 -12.66 -5.79 -35.05
N PHE A 355 -12.67 -7.06 -34.59
CA PHE A 355 -11.49 -7.92 -34.75
C PHE A 355 -11.25 -8.25 -36.21
N GLN A 356 -12.32 -8.42 -36.98
CA GLN A 356 -12.28 -8.75 -38.41
C GLN A 356 -11.69 -7.57 -39.19
N LYS A 357 -12.26 -6.36 -38.94
CA LYS A 357 -11.87 -5.09 -39.53
C LYS A 357 -10.40 -4.83 -39.33
N GLN A 358 -9.90 -5.05 -38.09
CA GLN A 358 -8.53 -4.80 -37.69
C GLN A 358 -7.55 -5.94 -37.91
N ASN A 359 -7.94 -6.93 -38.74
CA ASN A 359 -7.15 -8.12 -39.09
C ASN A 359 -6.58 -8.96 -37.91
N VAL A 360 -7.38 -9.10 -36.85
CA VAL A 360 -7.01 -9.85 -35.65
C VAL A 360 -7.86 -11.12 -35.56
N THR A 361 -7.19 -12.28 -35.40
CA THR A 361 -7.83 -13.59 -35.24
C THR A 361 -8.86 -13.56 -34.10
N ILE A 362 -10.06 -14.04 -34.41
CA ILE A 362 -11.19 -14.20 -33.52
C ILE A 362 -12.05 -15.31 -34.11
N MET A 363 -12.80 -15.99 -33.24
CA MET A 363 -13.70 -17.08 -33.58
C MET A 363 -15.01 -16.81 -32.92
N ASP A 364 -16.10 -16.95 -33.67
CA ASP A 364 -17.44 -16.78 -33.09
C ASP A 364 -17.73 -18.09 -32.31
N HIS A 365 -18.65 -18.01 -31.35
CA HIS A 365 -19.03 -19.14 -30.51
C HIS A 365 -19.72 -20.30 -31.24
N HIS A 366 -20.43 -20.00 -32.35
CA HIS A 366 -21.14 -21.00 -33.16
C HIS A 366 -20.10 -21.87 -33.88
N THR A 367 -19.14 -21.24 -34.56
CA THR A 367 -18.06 -21.91 -35.29
C THR A 367 -17.18 -22.75 -34.33
N ALA A 368 -16.95 -22.23 -33.10
CA ALA A 368 -16.12 -22.87 -32.08
C ALA A 368 -16.79 -24.14 -31.59
N SER A 369 -18.13 -24.06 -31.35
CA SER A 369 -18.96 -25.19 -30.92
C SER A 369 -18.88 -26.35 -31.91
N GLU A 370 -19.02 -26.05 -33.20
CA GLU A 370 -18.96 -27.03 -34.28
C GLU A 370 -17.59 -27.67 -34.35
N SER A 371 -16.55 -26.86 -34.23
CA SER A 371 -15.14 -27.27 -34.24
C SER A 371 -14.86 -28.27 -33.09
N PHE A 372 -15.33 -27.94 -31.87
CA PHE A 372 -15.14 -28.77 -30.70
C PHE A 372 -15.84 -30.14 -30.89
N MET A 373 -17.03 -30.14 -31.47
CA MET A 373 -17.81 -31.34 -31.76
C MET A 373 -17.06 -32.24 -32.72
N LYS A 374 -16.48 -31.67 -33.78
CA LYS A 374 -15.62 -32.41 -34.72
C LYS A 374 -14.44 -33.02 -33.95
N HIS A 375 -13.74 -32.19 -33.11
CA HIS A 375 -12.63 -32.63 -32.27
C HIS A 375 -13.01 -33.79 -31.37
N MET A 376 -14.12 -33.64 -30.62
CA MET A 376 -14.63 -34.65 -29.68
C MET A 376 -14.88 -35.99 -30.38
N GLN A 377 -15.53 -35.95 -31.55
CA GLN A 377 -15.76 -37.11 -32.40
C GLN A 377 -14.42 -37.76 -32.76
N ASN A 378 -13.42 -36.96 -33.21
CA ASN A 378 -12.06 -37.44 -33.54
C ASN A 378 -11.39 -38.09 -32.32
N GLU A 379 -11.62 -37.56 -31.11
CA GLU A 379 -11.04 -38.01 -29.84
C GLU A 379 -11.54 -39.36 -29.33
N TYR A 380 -12.84 -39.61 -29.51
CA TYR A 380 -13.49 -40.87 -29.19
C TYR A 380 -12.96 -41.96 -30.15
N ARG A 381 -12.82 -41.64 -31.46
CA ARG A 381 -12.24 -42.52 -32.47
C ARG A 381 -10.77 -42.80 -32.16
N ALA A 382 -9.99 -41.75 -31.81
CA ALA A 382 -8.55 -41.87 -31.54
C ALA A 382 -8.19 -42.51 -30.22
N ARG A 383 -8.97 -42.24 -29.14
CA ARG A 383 -8.62 -42.79 -27.83
C ARG A 383 -9.74 -43.14 -26.88
N GLY A 384 -10.97 -43.15 -27.38
CA GLY A 384 -12.13 -43.54 -26.60
C GLY A 384 -12.53 -42.57 -25.50
N GLY A 385 -12.41 -41.30 -25.81
CA GLY A 385 -12.81 -40.27 -24.87
C GLY A 385 -12.24 -38.90 -25.08
N CYS A 386 -12.84 -37.97 -24.38
CA CYS A 386 -12.49 -36.56 -24.37
C CYS A 386 -12.96 -35.96 -23.04
N PRO A 387 -12.04 -35.64 -22.12
CA PRO A 387 -12.47 -35.03 -20.84
C PRO A 387 -13.09 -33.67 -21.14
N ALA A 388 -14.33 -33.45 -20.69
CA ALA A 388 -15.01 -32.23 -21.03
C ALA A 388 -15.94 -31.76 -19.92
N ASP A 389 -15.75 -30.49 -19.51
CA ASP A 389 -16.57 -29.84 -18.50
C ASP A 389 -17.62 -28.96 -19.22
N TRP A 390 -18.83 -29.50 -19.32
CA TRP A 390 -20.00 -28.94 -19.98
C TRP A 390 -20.27 -27.48 -19.63
N ILE A 391 -20.19 -27.15 -18.34
CA ILE A 391 -20.39 -25.83 -17.74
C ILE A 391 -19.46 -24.77 -18.38
N TRP A 392 -18.27 -25.21 -18.81
CA TRP A 392 -17.28 -24.32 -19.36
C TRP A 392 -17.31 -24.30 -20.85
N LEU A 393 -17.53 -25.47 -21.46
CA LEU A 393 -17.58 -25.62 -22.90
C LEU A 393 -18.80 -24.98 -23.55
N VAL A 394 -19.93 -24.90 -22.85
CA VAL A 394 -21.13 -24.27 -23.43
C VAL A 394 -20.98 -22.73 -23.41
N PRO A 395 -21.00 -22.07 -24.61
CA PRO A 395 -20.91 -20.59 -24.65
C PRO A 395 -21.77 -19.86 -23.64
N PRO A 396 -21.22 -18.74 -23.07
CA PRO A 396 -21.96 -18.00 -22.02
C PRO A 396 -23.30 -17.38 -22.48
N VAL A 397 -23.55 -17.46 -23.79
CA VAL A 397 -24.74 -16.92 -24.43
C VAL A 397 -25.14 -17.94 -25.55
N SER A 398 -26.44 -18.01 -25.90
CA SER A 398 -26.97 -18.92 -26.95
C SER A 398 -26.69 -20.44 -26.85
N GLY A 399 -26.68 -20.95 -25.62
CA GLY A 399 -26.40 -22.34 -25.26
C GLY A 399 -26.94 -23.43 -26.15
N SER A 400 -28.28 -23.64 -26.17
CA SER A 400 -28.94 -24.68 -26.98
C SER A 400 -28.89 -24.51 -28.49
N ILE A 401 -28.72 -23.27 -28.97
CA ILE A 401 -28.59 -22.94 -30.39
C ILE A 401 -27.22 -23.48 -30.87
N THR A 402 -26.49 -24.11 -29.94
CA THR A 402 -25.14 -24.62 -30.07
C THR A 402 -25.13 -26.14 -29.91
N PRO A 403 -24.35 -26.86 -30.74
CA PRO A 403 -24.33 -28.33 -30.66
C PRO A 403 -23.82 -28.90 -29.34
N VAL A 404 -22.82 -28.22 -28.69
CA VAL A 404 -22.19 -28.71 -27.46
C VAL A 404 -23.16 -28.81 -26.27
N PHE A 405 -24.25 -28.04 -26.32
CA PHE A 405 -25.25 -28.03 -25.26
C PHE A 405 -25.94 -29.37 -25.11
N HIS A 406 -26.19 -30.05 -26.23
CA HIS A 406 -26.94 -31.28 -26.36
C HIS A 406 -26.06 -32.49 -26.24
N GLN A 407 -24.75 -32.27 -26.11
CA GLN A 407 -23.76 -33.31 -25.97
C GLN A 407 -23.52 -33.67 -24.49
N GLU A 408 -23.71 -34.95 -24.11
CA GLU A 408 -23.42 -35.43 -22.75
C GLU A 408 -21.94 -35.62 -22.67
N MET A 409 -21.33 -35.20 -21.55
CA MET A 409 -19.86 -35.21 -21.43
C MET A 409 -19.38 -35.83 -20.16
N LEU A 410 -18.14 -36.31 -20.18
CA LEU A 410 -17.50 -36.85 -18.99
C LEU A 410 -16.31 -36.00 -18.68
N ASN A 411 -16.27 -35.52 -17.44
CA ASN A 411 -15.20 -34.66 -16.97
C ASN A 411 -14.25 -35.41 -16.04
N TYR A 412 -12.99 -35.56 -16.45
CA TYR A 412 -11.98 -36.27 -15.65
C TYR A 412 -10.58 -35.69 -15.86
N VAL A 413 -9.71 -35.88 -14.84
CA VAL A 413 -8.33 -35.39 -14.85
C VAL A 413 -7.36 -36.46 -15.35
N LEU A 414 -6.78 -36.24 -16.52
CA LEU A 414 -5.77 -37.14 -17.08
C LEU A 414 -4.39 -36.55 -16.72
N SER A 415 -3.32 -37.01 -17.39
CA SER A 415 -1.97 -36.53 -17.21
C SER A 415 -1.20 -36.71 -18.53
N PRO A 416 -0.43 -35.70 -19.01
CA PRO A 416 -0.19 -34.35 -18.45
C PRO A 416 -1.44 -33.48 -18.31
N PHE A 417 -1.41 -32.50 -17.39
CA PHE A 417 -2.56 -31.66 -17.12
C PHE A 417 -2.17 -30.22 -16.69
N TYR A 418 -3.06 -29.24 -16.94
CA TYR A 418 -2.82 -27.87 -16.49
C TYR A 418 -3.69 -27.66 -15.28
N TYR A 419 -3.07 -27.50 -14.12
CA TYR A 419 -3.77 -27.27 -12.85
C TYR A 419 -3.81 -25.81 -12.48
N TYR A 420 -4.73 -25.45 -11.61
CA TYR A 420 -4.74 -24.14 -11.00
C TYR A 420 -3.70 -24.18 -9.86
N GLN A 421 -3.42 -23.04 -9.27
CA GLN A 421 -2.48 -22.97 -8.16
C GLN A 421 -3.09 -22.08 -7.09
N ILE A 422 -2.56 -22.13 -5.86
CA ILE A 422 -3.02 -21.19 -4.84
C ILE A 422 -2.36 -19.88 -5.20
N GLU A 423 -3.09 -18.78 -5.10
CA GLU A 423 -2.56 -17.46 -5.42
C GLU A 423 -1.21 -17.22 -4.71
N PRO A 424 -0.15 -16.87 -5.48
CA PRO A 424 1.20 -16.84 -4.90
C PRO A 424 1.39 -16.03 -3.63
N TRP A 425 0.79 -14.81 -3.57
CA TRP A 425 0.86 -13.91 -2.42
C TRP A 425 0.32 -14.49 -1.10
N LYS A 426 -0.51 -15.52 -1.22
CA LYS A 426 -1.13 -16.18 -0.07
C LYS A 426 -0.19 -17.19 0.62
N THR A 427 0.85 -17.67 -0.10
CA THR A 427 1.78 -18.69 0.39
C THR A 427 3.23 -18.26 0.37
N HIS A 428 3.55 -17.18 -0.33
CA HIS A 428 4.91 -16.69 -0.46
C HIS A 428 5.51 -16.25 0.87
N ILE A 429 6.76 -16.67 1.12
CA ILE A 429 7.53 -16.29 2.28
C ILE A 429 8.47 -15.19 1.79
N TRP A 430 8.22 -13.95 2.26
CA TRP A 430 8.97 -12.77 1.82
C TRP A 430 10.44 -12.68 2.30
N GLN A 431 11.17 -11.62 1.87
CA GLN A 431 12.58 -11.44 2.21
C GLN A 431 12.95 -10.05 2.78
N GLN B 12 33.25 30.22 34.53
CA GLN B 12 32.90 31.59 34.15
C GLN B 12 31.79 31.65 33.06
N TYR B 13 30.95 32.71 33.16
CA TYR B 13 29.82 33.04 32.30
C TYR B 13 30.18 33.36 30.82
N VAL B 14 29.15 33.34 29.95
CA VAL B 14 29.27 33.77 28.57
C VAL B 14 28.46 35.05 28.48
N ARG B 15 29.10 36.13 27.98
CA ARG B 15 28.50 37.45 27.82
C ARG B 15 27.56 37.40 26.58
N ILE B 16 26.31 37.81 26.78
CA ILE B 16 25.23 37.79 25.80
C ILE B 16 24.72 39.22 25.58
N LYS B 17 24.63 39.65 24.32
CA LYS B 17 24.15 41.00 24.03
C LYS B 17 22.78 41.08 23.30
N ASN B 18 21.92 42.01 23.77
CA ASN B 18 20.67 42.35 23.13
C ASN B 18 20.95 43.67 22.40
N TRP B 19 21.23 43.58 21.09
CA TRP B 19 21.59 44.69 20.22
C TRP B 19 20.52 45.76 20.01
N GLY B 20 19.27 45.44 20.36
CA GLY B 20 18.17 46.39 20.22
C GLY B 20 18.13 47.40 21.34
N SER B 21 18.36 46.92 22.58
CA SER B 21 18.35 47.71 23.81
C SER B 21 19.75 47.89 24.41
N GLY B 22 20.77 47.31 23.78
CA GLY B 22 22.15 47.36 24.25
C GLY B 22 22.42 46.54 25.51
N GLU B 23 21.36 46.00 26.13
CA GLU B 23 21.37 45.20 27.36
C GLU B 23 22.30 43.98 27.29
N ILE B 24 22.96 43.68 28.42
CA ILE B 24 23.90 42.56 28.55
C ILE B 24 23.46 41.58 29.63
N LEU B 25 23.62 40.27 29.34
CA LEU B 25 23.31 39.18 30.26
C LEU B 25 24.48 38.21 30.32
N HIS B 26 24.62 37.52 31.46
CA HIS B 26 25.70 36.57 31.69
C HIS B 26 25.17 35.16 31.87
N ASP B 27 25.51 34.25 30.93
CA ASP B 27 25.06 32.85 30.98
C ASP B 27 25.95 31.96 31.82
N THR B 28 25.42 31.50 32.96
CA THR B 28 26.06 30.57 33.87
C THR B 28 25.51 29.15 33.58
N LEU B 29 24.14 29.05 33.40
CA LEU B 29 23.34 27.84 33.16
C LEU B 29 23.88 26.86 32.12
N HIS B 30 24.62 27.32 31.10
CA HIS B 30 25.22 26.47 30.06
C HIS B 30 26.22 25.43 30.60
N HIS B 31 26.71 25.60 31.84
CA HIS B 31 27.64 24.66 32.48
C HIS B 31 26.94 23.36 32.87
N LYS B 32 25.58 23.44 33.03
CA LYS B 32 24.69 22.33 33.36
C LYS B 32 24.29 21.50 32.11
N ALA B 33 24.79 21.89 30.92
CA ALA B 33 24.54 21.20 29.64
C ALA B 33 25.10 19.78 29.57
N THR B 34 24.81 19.07 28.45
CA THR B 34 25.26 17.70 28.17
C THR B 34 26.09 17.65 26.84
N SER B 35 26.07 16.51 26.10
CA SER B 35 26.73 16.22 24.82
C SER B 35 28.16 16.75 24.68
N CYS B 44 29.96 24.70 12.65
CA CYS B 44 28.59 24.81 13.15
C CYS B 44 27.59 24.06 12.26
N LEU B 45 26.60 23.40 12.90
CA LEU B 45 25.53 22.58 12.31
C LEU B 45 24.15 23.06 12.83
N GLY B 46 24.07 24.36 13.18
CA GLY B 46 22.91 25.06 13.76
C GLY B 46 21.61 25.03 12.97
N SER B 47 21.70 25.21 11.62
CA SER B 47 20.53 25.20 10.74
C SER B 47 20.00 23.80 10.38
N ILE B 48 20.48 22.71 11.04
CA ILE B 48 19.97 21.35 10.84
C ILE B 48 18.69 21.17 11.66
N MET B 49 17.67 20.63 11.02
CA MET B 49 16.36 20.46 11.66
C MET B 49 16.30 19.36 12.70
N ASN B 50 16.78 18.15 12.32
CA ASN B 50 16.77 16.99 13.21
C ASN B 50 18.19 16.48 13.43
N PRO B 51 19.06 17.26 14.14
CA PRO B 51 20.42 16.76 14.38
C PRO B 51 20.39 15.62 15.40
N LYS B 52 21.40 14.74 15.35
CA LYS B 52 21.56 13.62 16.25
C LYS B 52 21.69 14.10 17.70
N SER B 53 22.25 15.31 17.90
CA SER B 53 22.40 15.91 19.24
C SER B 53 21.05 16.19 19.92
N LEU B 54 19.99 16.34 19.10
CA LEU B 54 18.62 16.62 19.51
C LEU B 54 17.74 15.36 19.48
N THR B 55 18.31 14.19 19.06
CA THR B 55 17.61 12.91 18.95
C THR B 55 18.00 11.95 20.07
N ARG B 56 17.02 11.15 20.50
CA ARG B 56 17.19 10.08 21.48
C ARG B 56 16.58 8.86 20.81
N GLY B 57 17.46 7.99 20.31
CA GLY B 57 17.08 6.80 19.56
C GLY B 57 16.62 5.60 20.37
N PRO B 58 16.40 4.45 19.67
CA PRO B 58 15.92 3.24 20.37
C PRO B 58 16.97 2.51 21.22
N ARG B 59 16.51 1.50 21.98
CA ARG B 59 17.32 0.64 22.86
C ARG B 59 16.86 -0.82 22.71
N ASP B 60 17.78 -1.77 22.88
CA ASP B 60 17.57 -3.25 22.85
C ASP B 60 17.61 -3.79 24.26
N LYS B 61 18.29 -3.07 25.19
CA LYS B 61 18.49 -3.43 26.60
C LYS B 61 18.21 -2.23 27.50
N PRO B 62 17.88 -2.46 28.80
CA PRO B 62 17.67 -1.30 29.71
C PRO B 62 18.90 -0.47 29.92
N THR B 63 18.73 0.75 30.37
CA THR B 63 19.85 1.64 30.60
C THR B 63 20.80 1.15 31.74
N PRO B 64 22.13 1.06 31.44
CA PRO B 64 23.10 0.60 32.47
C PRO B 64 22.96 1.33 33.79
N LEU B 65 23.03 0.60 34.91
CA LEU B 65 22.85 1.22 36.23
C LEU B 65 23.84 2.33 36.54
N GLU B 66 25.07 2.21 36.00
CA GLU B 66 26.11 3.23 36.16
C GLU B 66 25.66 4.54 35.53
N GLU B 67 24.81 4.48 34.48
CA GLU B 67 24.25 5.66 33.83
C GLU B 67 22.99 6.12 34.57
N LEU B 68 21.98 5.23 34.74
CA LEU B 68 20.72 5.56 35.43
C LEU B 68 20.91 6.26 36.79
N LEU B 69 21.63 5.60 37.70
CA LEU B 69 21.80 6.07 39.07
C LEU B 69 22.26 7.50 39.24
N PRO B 70 23.41 7.94 38.72
CA PRO B 70 23.76 9.37 38.87
C PRO B 70 22.72 10.31 38.26
N HIS B 71 22.07 9.92 37.15
CA HIS B 71 21.05 10.73 36.47
C HIS B 71 19.81 10.89 37.33
N ALA B 72 19.41 9.79 38.01
CA ALA B 72 18.29 9.75 38.97
C ALA B 72 18.57 10.67 40.16
N ILE B 73 19.78 10.56 40.76
CA ILE B 73 20.18 11.35 41.93
C ILE B 73 20.17 12.83 41.59
N GLU B 74 20.72 13.18 40.42
CA GLU B 74 20.76 14.56 39.94
C GLU B 74 19.32 15.12 39.77
N PHE B 75 18.39 14.31 39.22
CA PHE B 75 16.99 14.74 39.06
C PHE B 75 16.34 14.97 40.40
N ILE B 76 16.46 13.98 41.32
CA ILE B 76 15.91 14.06 42.68
C ILE B 76 16.42 15.33 43.39
N ASN B 77 17.71 15.63 43.22
CA ASN B 77 18.33 16.82 43.80
C ASN B 77 17.73 18.10 43.21
N GLN B 78 17.56 18.14 41.86
CA GLN B 78 16.96 19.23 41.09
C GLN B 78 15.52 19.42 41.55
N TYR B 79 14.76 18.30 41.68
CA TYR B 79 13.38 18.34 42.14
C TYR B 79 13.27 18.97 43.53
N TYR B 80 13.99 18.41 44.52
CA TYR B 80 13.99 18.93 45.89
C TYR B 80 14.59 20.33 46.02
N GLY B 81 15.61 20.63 45.21
CA GLY B 81 16.24 21.93 45.20
C GLY B 81 15.41 23.05 44.60
N SER B 82 14.30 22.69 43.91
CA SER B 82 13.38 23.64 43.27
C SER B 82 12.40 24.23 44.29
N PHE B 83 12.20 23.52 45.40
CA PHE B 83 11.31 23.94 46.49
C PHE B 83 11.71 25.27 47.11
N LYS B 84 10.69 26.04 47.53
CA LYS B 84 10.82 27.36 48.16
C LYS B 84 11.35 27.14 49.58
N GLU B 85 10.64 26.31 50.37
CA GLU B 85 11.02 25.88 51.72
C GLU B 85 11.52 24.46 51.54
N ALA B 86 12.86 24.27 51.55
CA ALA B 86 13.54 22.98 51.40
C ALA B 86 13.10 21.95 52.42
N LYS B 87 12.96 20.68 51.99
CA LYS B 87 12.51 19.55 52.83
C LYS B 87 13.57 18.43 52.79
N ILE B 88 14.67 18.64 53.54
CA ILE B 88 15.83 17.74 53.64
C ILE B 88 15.48 16.31 54.03
N GLU B 89 14.59 16.13 55.02
CA GLU B 89 14.14 14.80 55.47
C GLU B 89 13.58 14.00 54.28
N GLU B 90 12.58 14.59 53.57
CA GLU B 90 11.92 14.01 52.40
C GLU B 90 12.91 13.73 51.24
N HIS B 91 13.80 14.70 50.96
CA HIS B 91 14.83 14.68 49.94
C HIS B 91 15.76 13.44 50.09
N LEU B 92 16.36 13.29 51.29
CA LEU B 92 17.27 12.18 51.65
C LEU B 92 16.50 10.86 51.65
N ALA B 93 15.28 10.85 52.17
CA ALA B 93 14.44 9.66 52.17
C ALA B 93 14.16 9.20 50.72
N ARG B 94 13.82 10.16 49.81
CA ARG B 94 13.55 9.90 48.40
C ARG B 94 14.82 9.43 47.68
N LEU B 95 15.96 10.09 47.94
CA LEU B 95 17.25 9.64 47.38
C LEU B 95 17.48 8.13 47.71
N GLU B 96 17.19 7.74 48.99
CA GLU B 96 17.31 6.37 49.47
C GLU B 96 16.32 5.44 48.76
N ALA B 97 15.03 5.81 48.75
CA ALA B 97 13.94 5.06 48.11
C ALA B 97 14.21 4.75 46.64
N VAL B 98 14.65 5.77 45.86
CA VAL B 98 14.98 5.70 44.43
C VAL B 98 16.11 4.70 44.22
N THR B 99 17.19 4.81 45.04
CA THR B 99 18.37 3.90 45.03
C THR B 99 17.93 2.46 45.26
N LYS B 100 17.10 2.22 46.30
CA LYS B 100 16.59 0.89 46.64
C LYS B 100 15.79 0.38 45.47
N GLU B 101 14.94 1.25 44.89
CA GLU B 101 14.13 0.88 43.73
C GLU B 101 15.00 0.50 42.52
N ILE B 102 16.09 1.25 42.25
CA ILE B 102 17.02 0.92 41.18
C ILE B 102 17.69 -0.45 41.50
N GLU B 103 18.17 -0.62 42.78
CA GLU B 103 18.83 -1.85 43.30
C GLU B 103 17.96 -3.08 43.15
N THR B 104 16.68 -2.97 43.51
CA THR B 104 15.72 -4.07 43.46
C THR B 104 14.96 -4.22 42.15
N THR B 105 14.90 -3.18 41.27
CA THR B 105 14.10 -3.34 40.04
C THR B 105 14.82 -3.09 38.75
N GLY B 106 16.00 -2.48 38.83
CA GLY B 106 16.79 -2.17 37.64
C GLY B 106 16.41 -0.84 37.00
N THR B 107 15.40 -0.16 37.56
CA THR B 107 14.85 1.14 37.13
C THR B 107 14.16 1.78 38.35
N TYR B 108 13.46 2.88 38.15
CA TYR B 108 12.65 3.53 39.18
C TYR B 108 11.44 4.21 38.55
N GLN B 109 10.44 4.44 39.40
CA GLN B 109 9.19 5.12 39.08
C GLN B 109 9.19 6.50 39.70
N LEU B 110 8.83 7.52 38.91
CA LEU B 110 8.72 8.88 39.43
C LEU B 110 7.40 9.02 40.23
N THR B 111 7.35 10.02 41.11
CA THR B 111 6.07 10.30 41.78
C THR B 111 5.33 11.20 40.76
N LEU B 112 4.00 11.35 40.91
CA LEU B 112 3.22 12.23 40.06
C LEU B 112 3.81 13.64 40.13
N ASP B 113 4.10 14.12 41.35
CA ASP B 113 4.68 15.44 41.56
C ASP B 113 6.02 15.63 40.85
N GLU B 114 6.88 14.61 40.88
CA GLU B 114 8.15 14.61 40.17
C GLU B 114 7.91 14.61 38.67
N LEU B 115 6.92 13.83 38.20
CA LEU B 115 6.60 13.81 36.77
C LEU B 115 6.08 15.18 36.30
N ILE B 116 5.14 15.77 37.05
CA ILE B 116 4.59 17.10 36.75
C ILE B 116 5.77 18.09 36.64
N PHE B 117 6.69 18.09 37.62
CA PHE B 117 7.88 18.93 37.63
C PHE B 117 8.75 18.69 36.38
N ALA B 118 8.99 17.41 36.04
CA ALA B 118 9.81 17.02 34.88
C ALA B 118 9.27 17.56 33.56
N THR B 119 7.92 17.45 33.35
CA THR B 119 7.25 17.90 32.13
C THR B 119 7.39 19.41 31.91
N LYS B 120 7.21 20.21 33.00
CA LYS B 120 7.34 21.67 32.98
C LYS B 120 8.77 22.07 32.78
N MET B 121 9.71 21.41 33.48
CA MET B 121 11.15 21.68 33.32
C MET B 121 11.61 21.42 31.92
N ALA B 122 11.15 20.32 31.30
CA ALA B 122 11.51 19.95 29.94
C ALA B 122 11.00 20.96 28.95
N TRP B 123 9.83 21.55 29.23
CA TRP B 123 9.23 22.59 28.42
C TRP B 123 10.06 23.85 28.62
N ARG B 124 10.35 24.20 29.89
CA ARG B 124 11.22 25.32 30.26
C ARG B 124 12.58 25.24 29.54
N ASN B 125 13.06 24.00 29.30
CA ASN B 125 14.35 23.70 28.65
C ASN B 125 14.23 23.44 27.16
N ALA B 126 13.04 23.70 26.53
CA ALA B 126 12.87 23.46 25.09
C ALA B 126 13.43 24.67 24.33
N PRO B 127 14.68 24.64 23.81
CA PRO B 127 15.23 25.85 23.17
C PRO B 127 14.51 26.39 21.95
N ARG B 128 13.71 25.56 21.31
CA ARG B 128 12.98 25.90 20.09
C ARG B 128 11.54 26.44 20.38
N CYS B 129 11.13 26.55 21.67
CA CYS B 129 9.79 27.00 22.05
C CYS B 129 9.71 28.47 22.41
N ILE B 130 8.89 29.25 21.68
CA ILE B 130 8.66 30.67 21.98
C ILE B 130 7.62 30.87 23.10
N GLY B 131 6.82 29.84 23.40
CA GLY B 131 5.73 29.94 24.36
C GLY B 131 6.09 29.67 25.79
N ARG B 132 7.41 29.56 26.09
CA ARG B 132 7.92 29.21 27.42
C ARG B 132 7.52 30.04 28.61
N ILE B 133 7.05 31.29 28.45
CA ILE B 133 6.62 32.06 29.62
C ILE B 133 5.52 31.29 30.36
N GLN B 134 4.80 30.43 29.62
CA GLN B 134 3.69 29.59 30.10
C GLN B 134 4.14 28.30 30.81
N TRP B 135 5.45 27.95 30.74
CA TRP B 135 6.08 26.73 31.26
C TRP B 135 5.50 26.11 32.52
N SER B 136 5.08 26.91 33.48
CA SER B 136 4.51 26.43 34.76
C SER B 136 3.05 26.05 34.64
N ASN B 137 2.38 26.52 33.57
CA ASN B 137 0.95 26.27 33.36
C ASN B 137 0.73 25.09 32.39
N LEU B 138 0.74 23.86 32.96
CA LEU B 138 0.62 22.64 32.20
C LEU B 138 -0.18 21.58 32.93
N GLN B 139 -1.21 21.04 32.26
CA GLN B 139 -2.00 19.95 32.80
C GLN B 139 -1.29 18.66 32.39
N VAL B 140 -1.15 17.76 33.36
CA VAL B 140 -0.42 16.53 33.17
C VAL B 140 -1.40 15.38 33.38
N PHE B 141 -1.57 14.57 32.33
CA PHE B 141 -2.36 13.35 32.36
C PHE B 141 -1.39 12.20 32.48
N ASP B 142 -1.47 11.51 33.61
CA ASP B 142 -0.65 10.36 33.94
C ASP B 142 -1.27 9.10 33.33
N ALA B 143 -0.68 8.62 32.23
CA ALA B 143 -1.14 7.40 31.54
C ALA B 143 -0.06 6.32 31.61
N ARG B 144 0.77 6.33 32.69
CA ARG B 144 1.87 5.36 32.88
C ARG B 144 1.42 3.90 33.14
N ASN B 145 0.11 3.72 33.45
CA ASN B 145 -0.58 2.46 33.71
C ASN B 145 -1.18 1.85 32.42
N CYS B 146 -1.14 2.60 31.32
CA CYS B 146 -1.67 2.22 30.01
C CYS B 146 -1.06 0.90 29.53
N SER B 147 -1.85 0.03 28.88
CA SER B 147 -1.27 -1.22 28.36
C SER B 147 -1.61 -1.53 26.91
N THR B 148 -2.76 -1.04 26.42
CA THR B 148 -3.17 -1.33 25.04
C THR B 148 -3.30 -0.06 24.19
N ALA B 149 -3.23 -0.22 22.84
CA ALA B 149 -3.43 0.86 21.88
C ALA B 149 -4.82 1.50 22.02
N GLN B 150 -5.86 0.70 22.38
CA GLN B 150 -7.23 1.20 22.60
C GLN B 150 -7.26 2.15 23.80
N GLU B 151 -6.47 1.84 24.86
CA GLU B 151 -6.38 2.67 26.04
C GLU B 151 -5.61 3.96 25.71
N MET B 152 -4.57 3.85 24.83
CA MET B 152 -3.75 4.98 24.35
C MET B 152 -4.69 5.97 23.65
N PHE B 153 -5.55 5.42 22.77
CA PHE B 153 -6.55 6.14 22.00
C PHE B 153 -7.48 6.91 22.91
N GLN B 154 -7.92 6.29 24.00
CA GLN B 154 -8.82 6.91 24.97
C GLN B 154 -8.15 8.06 25.69
N HIS B 155 -6.85 7.90 26.00
CA HIS B 155 -6.04 8.92 26.67
C HIS B 155 -5.82 10.13 25.73
N ILE B 156 -5.54 9.85 24.44
CA ILE B 156 -5.36 10.88 23.44
C ILE B 156 -6.65 11.69 23.23
N CYS B 157 -7.79 11.01 23.20
CA CYS B 157 -9.11 11.64 23.05
C CYS B 157 -9.39 12.57 24.20
N ARG B 158 -9.17 12.09 25.43
CA ARG B 158 -9.34 12.89 26.67
CA ARG B 158 -9.35 12.87 26.66
C ARG B 158 -8.46 14.14 26.58
N HIS B 159 -7.21 13.98 26.11
CA HIS B 159 -6.25 15.04 25.97
C HIS B 159 -6.79 16.08 24.96
N ILE B 160 -7.14 15.65 23.72
CA ILE B 160 -7.70 16.52 22.67
C ILE B 160 -8.89 17.32 23.21
N LEU B 161 -9.81 16.62 23.87
CA LEU B 161 -11.00 17.17 24.48
C LEU B 161 -10.67 18.22 25.55
N TYR B 162 -9.81 17.89 26.52
CA TYR B 162 -9.42 18.83 27.58
C TYR B 162 -8.72 20.06 27.00
N ALA B 163 -7.70 19.81 26.16
CA ALA B 163 -6.87 20.85 25.57
C ALA B 163 -7.68 21.80 24.70
N THR B 164 -8.60 21.26 23.82
CA THR B 164 -9.47 22.04 22.93
C THR B 164 -10.35 23.01 23.69
N ASN B 165 -11.07 22.51 24.71
CA ASN B 165 -11.91 23.30 25.61
C ASN B 165 -12.84 24.30 24.90
N ASN B 166 -13.42 23.88 23.76
CA ASN B 166 -14.32 24.70 22.95
C ASN B 166 -13.63 26.00 22.43
N GLY B 167 -12.33 25.88 22.10
CA GLY B 167 -11.51 26.99 21.65
C GLY B 167 -10.77 27.73 22.75
N ASN B 168 -11.15 27.55 24.02
CA ASN B 168 -10.37 28.19 25.10
C ASN B 168 -9.15 27.24 25.42
N ILE B 169 -8.18 27.18 24.48
CA ILE B 169 -7.02 26.29 24.47
C ILE B 169 -6.22 26.26 25.76
N ARG B 170 -5.99 25.05 26.25
CA ARG B 170 -5.22 24.75 27.44
C ARG B 170 -4.05 23.83 27.10
N SER B 171 -2.87 24.14 27.66
CA SER B 171 -1.66 23.33 27.45
C SER B 171 -1.76 22.10 28.30
N ALA B 172 -1.54 20.94 27.67
CA ALA B 172 -1.59 19.65 28.35
C ALA B 172 -0.51 18.72 27.84
N ILE B 173 -0.23 17.67 28.63
CA ILE B 173 0.71 16.58 28.29
C ILE B 173 0.16 15.27 28.83
N THR B 174 0.19 14.22 27.99
CA THR B 174 -0.18 12.87 28.36
C THR B 174 1.10 12.05 28.39
N VAL B 175 1.46 11.53 29.56
CA VAL B 175 2.68 10.78 29.74
C VAL B 175 2.33 9.31 29.79
N PHE B 176 2.73 8.57 28.74
CA PHE B 176 2.54 7.13 28.58
C PHE B 176 3.67 6.34 29.30
N PRO B 177 3.62 4.98 29.41
CA PRO B 177 4.66 4.29 30.20
C PRO B 177 6.07 4.49 29.69
N GLN B 178 7.01 4.70 30.61
CA GLN B 178 8.45 4.86 30.30
C GLN B 178 9.06 3.64 29.63
N ARG B 179 10.10 3.87 28.84
CA ARG B 179 10.83 2.80 28.15
C ARG B 179 11.44 1.86 29.21
N SER B 180 11.27 0.55 29.02
CA SER B 180 11.77 -0.49 29.93
C SER B 180 13.04 -1.13 29.34
N ASP B 181 12.90 -2.03 28.37
CA ASP B 181 14.04 -2.66 27.69
C ASP B 181 14.25 -2.03 26.33
N GLY B 182 13.26 -1.27 25.86
CA GLY B 182 13.28 -0.65 24.55
C GLY B 182 12.61 -1.52 23.50
N LYS B 183 12.14 -2.71 23.90
CA LYS B 183 11.44 -3.67 23.03
C LYS B 183 9.95 -3.63 23.31
N HIS B 184 9.55 -2.78 24.27
CA HIS B 184 8.16 -2.59 24.70
C HIS B 184 7.75 -1.10 24.66
N ASP B 185 8.34 -0.34 23.73
CA ASP B 185 8.05 1.09 23.61
C ASP B 185 6.63 1.38 23.18
N PHE B 186 6.05 2.41 23.82
CA PHE B 186 4.79 3.04 23.51
C PHE B 186 5.24 4.19 22.58
N ARG B 187 4.59 4.29 21.41
CA ARG B 187 4.90 5.28 20.40
C ARG B 187 3.65 5.76 19.67
N LEU B 188 3.66 7.05 19.29
CA LEU B 188 2.63 7.65 18.46
C LEU B 188 3.39 7.86 17.17
N TRP B 189 2.90 7.23 16.10
CA TRP B 189 3.57 7.28 14.81
C TRP B 189 3.35 8.59 14.08
N ASN B 190 2.32 9.33 14.49
CA ASN B 190 2.02 10.65 13.98
C ASN B 190 3.05 11.66 14.46
N SER B 191 3.23 12.74 13.69
CA SER B 191 4.12 13.80 14.09
C SER B 191 3.31 14.72 14.99
N GLN B 192 1.98 14.83 14.72
CA GLN B 192 1.07 15.68 15.51
C GLN B 192 -0.20 14.93 15.84
N LEU B 193 -0.88 15.29 16.92
CA LEU B 193 -2.16 14.67 17.27
C LEU B 193 -3.16 14.93 16.17
N ILE B 194 -3.26 16.19 15.71
CA ILE B 194 -4.15 16.59 14.61
C ILE B 194 -3.32 17.13 13.45
N ARG B 195 -3.51 16.56 12.26
CA ARG B 195 -2.80 16.93 11.05
C ARG B 195 -3.57 16.41 9.84
N TYR B 196 -3.50 17.11 8.70
CA TYR B 196 -4.21 16.74 7.49
C TYR B 196 -3.39 15.83 6.58
N ALA B 197 -4.11 14.95 5.87
CA ALA B 197 -3.54 14.02 4.91
C ALA B 197 -3.13 14.75 3.64
N GLY B 198 -2.11 14.22 2.99
CA GLY B 198 -1.56 14.71 1.75
C GLY B 198 -1.51 13.60 0.73
N TYR B 199 -2.16 13.83 -0.43
CA TYR B 199 -2.25 12.84 -1.50
C TYR B 199 -1.52 13.24 -2.77
N GLN B 200 -0.78 12.28 -3.38
CA GLN B 200 -0.10 12.43 -4.68
C GLN B 200 -1.15 12.00 -5.73
N MET B 201 -1.89 12.98 -6.25
CA MET B 201 -3.00 12.83 -7.19
C MET B 201 -2.68 12.17 -8.56
N PRO B 202 -3.71 11.55 -9.23
CA PRO B 202 -3.47 10.97 -10.56
C PRO B 202 -3.05 12.03 -11.59
N ASP B 203 -3.76 13.19 -11.58
CA ASP B 203 -3.53 14.37 -12.43
C ASP B 203 -2.12 15.05 -12.34
N GLY B 204 -1.19 14.41 -11.63
CA GLY B 204 0.19 14.87 -11.46
C GLY B 204 0.46 15.56 -10.13
N THR B 205 -0.41 16.52 -9.77
CA THR B 205 -0.34 17.37 -8.57
C THR B 205 -0.52 16.68 -7.21
N ILE B 206 -0.57 17.49 -6.11
CA ILE B 206 -0.71 17.06 -4.72
C ILE B 206 -1.94 17.70 -4.06
N ARG B 207 -2.72 16.90 -3.34
CA ARG B 207 -3.90 17.41 -2.65
C ARG B 207 -3.72 17.38 -1.12
N GLY B 208 -4.09 18.47 -0.48
CA GLY B 208 -3.98 18.64 0.97
C GLY B 208 -2.59 19.05 1.42
N ASP B 209 -2.15 18.46 2.55
CA ASP B 209 -0.86 18.71 3.18
C ASP B 209 0.30 17.91 2.57
N ALA B 210 1.02 18.54 1.62
CA ALA B 210 2.20 17.95 0.96
C ALA B 210 3.26 17.44 1.94
N ALA B 211 3.26 17.96 3.18
CA ALA B 211 4.22 17.55 4.20
C ALA B 211 3.95 16.15 4.81
N THR B 212 2.73 15.60 4.61
CA THR B 212 2.34 14.30 5.16
C THR B 212 2.19 13.21 4.11
N LEU B 213 2.77 13.40 2.91
CA LEU B 213 2.66 12.47 1.79
C LEU B 213 3.05 11.03 2.17
N GLU B 214 4.27 10.83 2.72
CA GLU B 214 4.80 9.54 3.17
C GLU B 214 3.96 8.95 4.29
N PHE B 215 3.68 9.73 5.37
CA PHE B 215 2.87 9.25 6.50
C PHE B 215 1.44 8.89 6.08
N THR B 216 0.84 9.65 5.13
CA THR B 216 -0.51 9.36 4.61
C THR B 216 -0.49 7.98 3.95
N GLN B 217 0.54 7.71 3.13
CA GLN B 217 0.74 6.41 2.50
C GLN B 217 0.80 5.32 3.57
N LEU B 218 1.64 5.52 4.63
CA LEU B 218 1.74 4.57 5.74
C LEU B 218 0.38 4.23 6.33
N CYS B 219 -0.52 5.22 6.52
CA CYS B 219 -1.88 5.01 7.04
C CYS B 219 -2.71 4.18 6.08
N ILE B 220 -2.64 4.52 4.76
CA ILE B 220 -3.36 3.83 3.69
C ILE B 220 -2.90 2.36 3.69
N ASP B 221 -1.56 2.15 3.73
CA ASP B 221 -0.87 0.86 3.81
C ASP B 221 -1.25 0.05 5.05
N LEU B 222 -1.76 0.71 6.11
CA LEU B 222 -2.19 0.03 7.35
C LEU B 222 -3.70 -0.07 7.45
N GLY B 223 -4.39 0.18 6.34
CA GLY B 223 -5.83 0.04 6.26
C GLY B 223 -6.70 1.27 6.47
N TRP B 224 -6.11 2.48 6.39
CA TRP B 224 -6.93 3.68 6.55
C TRP B 224 -7.60 4.00 5.22
N LYS B 225 -8.91 4.29 5.27
CA LYS B 225 -9.71 4.66 4.10
C LYS B 225 -9.51 6.16 3.80
N PRO B 226 -8.73 6.49 2.74
CA PRO B 226 -8.51 7.91 2.39
C PRO B 226 -9.74 8.52 1.74
N ARG B 227 -10.24 9.64 2.30
CA ARG B 227 -11.41 10.37 1.81
C ARG B 227 -11.06 11.34 0.67
N TYR B 228 -9.78 11.33 0.24
CA TYR B 228 -9.19 12.17 -0.80
C TYR B 228 -9.48 13.68 -0.84
N GLY B 229 -9.71 14.28 0.35
CA GLY B 229 -9.95 15.71 0.53
C GLY B 229 -8.71 16.57 0.71
N ARG B 230 -8.91 17.89 0.86
CA ARG B 230 -7.84 18.86 1.07
C ARG B 230 -7.55 18.97 2.56
N PHE B 231 -8.57 18.75 3.41
CA PHE B 231 -8.46 18.86 4.86
C PHE B 231 -8.92 17.58 5.59
N ASP B 232 -8.42 16.41 5.15
CA ASP B 232 -8.74 15.14 5.80
C ASP B 232 -7.84 14.93 7.02
N VAL B 233 -8.47 14.91 8.21
CA VAL B 233 -7.73 14.67 9.44
C VAL B 233 -7.20 13.23 9.45
N LEU B 234 -5.86 13.10 9.54
CA LEU B 234 -5.16 11.82 9.58
C LEU B 234 -5.57 10.98 10.78
N PRO B 235 -5.49 9.63 10.67
CA PRO B 235 -5.85 8.80 11.81
C PRO B 235 -4.68 8.69 12.80
N LEU B 236 -5.00 8.30 14.04
CA LEU B 236 -3.99 8.05 15.07
C LEU B 236 -3.39 6.67 14.77
N VAL B 237 -2.05 6.57 14.71
CA VAL B 237 -1.33 5.33 14.46
C VAL B 237 -0.58 5.06 15.77
N LEU B 238 -1.18 4.21 16.61
CA LEU B 238 -0.71 3.92 17.97
C LEU B 238 -0.04 2.57 18.20
N GLN B 239 1.17 2.62 18.77
CA GLN B 239 1.99 1.47 19.14
C GLN B 239 2.06 1.40 20.67
N ALA B 240 1.46 0.35 21.27
CA ALA B 240 1.51 0.15 22.72
C ALA B 240 2.41 -1.03 23.00
N ASP B 241 3.14 -0.97 24.11
CA ASP B 241 4.02 -2.04 24.59
C ASP B 241 4.82 -2.77 23.49
N GLY B 242 5.42 -2.02 22.58
CA GLY B 242 6.23 -2.57 21.49
C GLY B 242 5.50 -3.31 20.40
N GLN B 243 4.17 -3.47 20.55
CA GLN B 243 3.32 -4.18 19.58
C GLN B 243 3.25 -3.43 18.25
N ASP B 244 2.73 -4.08 17.21
CA ASP B 244 2.56 -3.45 15.90
C ASP B 244 1.56 -2.32 16.05
N PRO B 245 1.73 -1.19 15.30
CA PRO B 245 0.79 -0.06 15.46
C PRO B 245 -0.63 -0.34 14.99
N GLU B 246 -1.59 0.28 15.67
CA GLU B 246 -3.01 0.19 15.32
C GLU B 246 -3.53 1.57 14.92
N VAL B 247 -4.36 1.60 13.88
CA VAL B 247 -4.96 2.78 13.28
C VAL B 247 -6.31 3.09 13.92
N PHE B 248 -6.51 4.37 14.32
CA PHE B 248 -7.74 4.87 14.94
C PHE B 248 -8.10 6.26 14.38
N GLU B 249 -9.36 6.41 13.94
CA GLU B 249 -9.93 7.64 13.39
C GLU B 249 -10.22 8.54 14.57
N ILE B 250 -9.85 9.83 14.49
CA ILE B 250 -10.15 10.73 15.60
C ILE B 250 -11.65 11.12 15.50
N PRO B 251 -12.45 10.89 16.58
CA PRO B 251 -13.87 11.32 16.54
C PRO B 251 -14.02 12.78 16.10
N PRO B 252 -14.62 13.03 14.91
CA PRO B 252 -14.70 14.42 14.38
C PRO B 252 -15.21 15.52 15.30
N ASP B 253 -16.02 15.19 16.30
CA ASP B 253 -16.51 16.18 17.27
C ASP B 253 -15.36 16.68 18.13
N LEU B 254 -14.23 15.94 18.14
CA LEU B 254 -13.07 16.30 18.95
C LEU B 254 -12.12 17.27 18.25
N VAL B 255 -12.19 17.34 16.90
CA VAL B 255 -11.36 18.18 16.02
C VAL B 255 -12.00 19.56 15.77
N LEU B 256 -11.55 20.59 16.49
CA LEU B 256 -12.05 21.94 16.32
C LEU B 256 -11.32 22.60 15.20
N GLU B 257 -12.08 23.18 14.27
CA GLU B 257 -11.53 23.89 13.12
C GLU B 257 -11.97 25.34 13.03
N VAL B 258 -11.11 26.16 12.44
CA VAL B 258 -11.33 27.58 12.21
C VAL B 258 -11.39 27.80 10.72
N THR B 259 -12.54 28.27 10.21
CA THR B 259 -12.68 28.54 8.77
C THR B 259 -12.11 29.92 8.50
N MET B 260 -11.29 30.01 7.46
CA MET B 260 -10.59 31.25 7.16
C MET B 260 -11.44 32.27 6.42
N GLU B 261 -11.53 33.45 7.00
CA GLU B 261 -12.14 34.63 6.44
C GLU B 261 -11.32 35.93 6.75
N HIS B 262 -11.29 36.90 5.80
CA HIS B 262 -10.60 38.19 5.96
C HIS B 262 -11.59 39.21 6.47
N PRO B 263 -11.20 40.13 7.39
CA PRO B 263 -12.19 41.12 7.88
C PRO B 263 -12.61 42.17 6.85
N LYS B 264 -11.87 42.25 5.71
CA LYS B 264 -12.08 43.20 4.63
C LYS B 264 -12.34 42.51 3.29
N TYR B 265 -11.60 41.46 2.92
CA TYR B 265 -11.86 40.82 1.63
C TYR B 265 -12.87 39.70 1.79
N GLU B 266 -14.05 39.89 1.18
CA GLU B 266 -15.13 38.91 1.22
C GLU B 266 -14.77 37.65 0.42
N TRP B 267 -13.92 37.78 -0.64
CA TRP B 267 -13.45 36.68 -1.46
C TRP B 267 -12.51 35.72 -0.72
N PHE B 268 -11.98 36.11 0.46
CA PHE B 268 -11.07 35.26 1.25
C PHE B 268 -11.72 33.93 1.61
N GLN B 269 -13.00 33.96 2.04
CA GLN B 269 -13.81 32.77 2.37
C GLN B 269 -13.90 31.81 1.17
N GLU B 270 -13.93 32.37 -0.05
CA GLU B 270 -14.01 31.64 -1.31
C GLU B 270 -12.79 30.79 -1.59
N LEU B 271 -11.69 31.00 -0.83
CA LEU B 271 -10.47 30.20 -1.03
C LEU B 271 -10.68 28.79 -0.40
N GLY B 272 -11.67 28.74 0.49
CA GLY B 272 -12.12 27.54 1.18
C GLY B 272 -11.10 26.98 2.14
N LEU B 273 -10.46 27.89 2.89
CA LEU B 273 -9.42 27.51 3.81
C LEU B 273 -9.91 27.34 5.22
N LYS B 274 -9.33 26.33 5.89
CA LYS B 274 -9.57 26.09 7.29
C LYS B 274 -8.29 25.54 7.93
N TRP B 275 -8.25 25.56 9.25
CA TRP B 275 -7.16 24.95 10.01
C TRP B 275 -7.68 24.48 11.36
N TYR B 276 -7.01 23.46 11.92
CA TYR B 276 -7.34 22.94 13.25
C TYR B 276 -6.78 23.88 14.30
N ALA B 277 -7.53 24.05 15.36
CA ALA B 277 -7.26 24.89 16.50
C ALA B 277 -6.17 24.36 17.43
N LEU B 278 -5.91 23.04 17.37
CA LEU B 278 -5.01 22.37 18.31
C LEU B 278 -3.60 22.01 17.82
N PRO B 279 -2.55 22.77 18.30
CA PRO B 279 -1.17 22.43 17.92
C PRO B 279 -0.66 21.43 18.97
N ALA B 280 -0.64 20.15 18.60
CA ALA B 280 -0.20 19.12 19.54
C ALA B 280 0.92 18.25 18.97
N VAL B 281 2.13 18.27 19.58
CA VAL B 281 3.27 17.45 19.15
C VAL B 281 3.05 16.00 19.65
N ALA B 282 3.09 15.00 18.74
CA ALA B 282 2.80 13.59 19.12
C ALA B 282 3.99 12.65 19.26
N ASN B 283 5.12 12.97 18.62
CA ASN B 283 6.28 12.11 18.44
C ASN B 283 7.59 12.35 19.24
N MET B 284 7.55 13.19 20.26
CA MET B 284 8.77 13.46 21.01
C MET B 284 9.01 12.54 22.20
N LEU B 285 10.26 12.51 22.72
CA LEU B 285 10.63 11.67 23.86
C LEU B 285 11.00 12.57 25.02
N LEU B 286 10.44 12.29 26.20
CA LEU B 286 10.77 13.05 27.42
C LEU B 286 11.86 12.29 28.19
N GLU B 287 13.00 12.93 28.36
CA GLU B 287 14.11 12.38 29.12
C GLU B 287 14.07 13.01 30.50
N VAL B 288 14.07 12.18 31.54
CA VAL B 288 14.05 12.70 32.91
C VAL B 288 14.78 11.74 33.82
N GLY B 289 15.84 12.23 34.46
CA GLY B 289 16.66 11.49 35.41
C GLY B 289 17.04 10.09 34.98
N GLY B 290 17.42 9.95 33.71
CA GLY B 290 17.81 8.66 33.15
C GLY B 290 16.66 7.92 32.50
N LEU B 291 15.43 8.26 32.89
CA LEU B 291 14.21 7.66 32.35
C LEU B 291 13.88 8.30 31.00
N GLU B 292 13.34 7.50 30.09
CA GLU B 292 12.92 7.93 28.77
C GLU B 292 11.46 7.59 28.61
N PHE B 293 10.66 8.58 28.17
CA PHE B 293 9.23 8.36 27.89
C PHE B 293 9.02 8.57 26.37
N PRO B 294 9.11 7.49 25.56
CA PRO B 294 9.01 7.66 24.09
C PRO B 294 7.64 8.05 23.54
N ALA B 295 6.59 8.09 24.40
CA ALA B 295 5.24 8.52 24.03
C ALA B 295 4.76 9.51 25.08
N CYS B 296 4.72 10.80 24.71
CA CYS B 296 4.32 11.88 25.62
C CYS B 296 3.74 13.06 24.80
N PRO B 297 2.57 12.87 24.16
CA PRO B 297 2.01 13.97 23.36
C PRO B 297 1.70 15.22 24.20
N PHE B 298 2.02 16.40 23.65
CA PHE B 298 1.80 17.68 24.34
C PHE B 298 1.31 18.74 23.39
N ASN B 299 0.70 19.79 23.96
CA ASN B 299 0.19 20.88 23.16
C ASN B 299 0.25 22.22 23.88
N GLY B 300 0.20 23.27 23.09
CA GLY B 300 0.02 24.65 23.55
C GLY B 300 -1.15 25.20 22.76
N TRP B 301 -1.03 26.46 22.32
CA TRP B 301 -1.97 27.13 21.44
C TRP B 301 -1.17 27.70 20.31
N TYR B 302 -1.83 28.05 19.22
CA TYR B 302 -1.15 28.52 18.02
C TYR B 302 -0.57 29.93 18.12
N MET B 303 0.45 30.14 17.31
CA MET B 303 1.05 31.42 17.04
C MET B 303 0.71 31.58 15.56
N GLY B 304 -0.01 32.66 15.28
CA GLY B 304 -0.58 32.96 13.97
C GLY B 304 0.22 32.62 12.72
N THR B 305 1.53 33.01 12.69
CA THR B 305 2.47 32.84 11.56
C THR B 305 2.73 31.39 11.19
N GLU B 306 2.49 30.44 12.13
CA GLU B 306 2.65 29.02 11.87
C GLU B 306 1.60 28.54 10.83
N ILE B 307 0.33 28.94 11.03
CA ILE B 307 -0.67 28.62 10.03
C ILE B 307 -0.49 29.51 8.79
N GLY B 308 -0.60 30.84 8.99
CA GLY B 308 -0.57 31.83 7.94
C GLY B 308 0.64 31.84 7.02
N VAL B 309 1.83 31.66 7.57
CA VAL B 309 3.07 31.74 6.80
C VAL B 309 3.55 30.36 6.39
N ARG B 310 3.75 29.44 7.36
CA ARG B 310 4.28 28.10 7.14
C ARG B 310 3.27 27.20 6.50
N ASP B 311 2.14 26.96 7.19
CA ASP B 311 1.10 26.04 6.68
C ASP B 311 0.43 26.43 5.36
N PHE B 312 0.12 27.74 5.17
CA PHE B 312 -0.52 28.25 3.94
C PHE B 312 0.43 28.65 2.81
N CYS B 313 1.61 29.27 3.14
CA CYS B 313 2.53 29.80 2.10
C CYS B 313 3.77 29.01 1.69
N ASP B 314 4.17 27.97 2.43
CA ASP B 314 5.31 27.15 1.99
C ASP B 314 4.92 26.39 0.72
N THR B 315 5.88 26.22 -0.20
CA THR B 315 5.67 25.46 -1.42
C THR B 315 5.51 23.97 -1.07
N GLN B 316 6.14 23.55 0.04
CA GLN B 316 6.07 22.18 0.57
C GLN B 316 4.77 21.90 1.36
N ARG B 317 3.85 22.89 1.44
CA ARG B 317 2.58 22.75 2.16
CA ARG B 317 2.58 22.71 2.14
C ARG B 317 1.40 23.15 1.23
N TYR B 318 0.45 23.98 1.75
CA TYR B 318 -0.74 24.45 1.01
C TYR B 318 -0.52 25.45 -0.13
N ASN B 319 0.66 26.13 -0.17
CA ASN B 319 1.20 27.02 -1.21
C ASN B 319 0.15 27.97 -1.88
N ILE B 320 -0.49 28.85 -1.08
CA ILE B 320 -1.56 29.77 -1.55
C ILE B 320 -1.16 31.21 -1.99
N LEU B 321 0.11 31.63 -1.76
CA LEU B 321 0.59 33.00 -2.02
C LEU B 321 0.16 33.70 -3.30
N GLU B 322 0.45 33.07 -4.46
CA GLU B 322 0.10 33.58 -5.80
C GLU B 322 -1.41 33.91 -5.95
N GLU B 323 -2.30 32.96 -5.54
CA GLU B 323 -3.76 33.10 -5.59
C GLU B 323 -4.22 34.30 -4.76
N VAL B 324 -3.66 34.47 -3.53
CA VAL B 324 -4.02 35.62 -2.67
C VAL B 324 -3.53 36.94 -3.30
N GLY B 325 -2.41 36.87 -4.02
CA GLY B 325 -1.81 37.99 -4.73
C GLY B 325 -2.71 38.48 -5.85
N ARG B 326 -3.00 37.56 -6.84
CA ARG B 326 -3.88 37.80 -7.99
C ARG B 326 -5.19 38.44 -7.54
N ARG B 327 -5.85 37.85 -6.52
CA ARG B 327 -7.11 38.32 -5.96
C ARG B 327 -7.03 39.70 -5.29
N MET B 328 -5.82 40.13 -4.95
CA MET B 328 -5.59 41.46 -4.37
C MET B 328 -5.25 42.44 -5.50
N GLY B 329 -5.11 41.91 -6.71
CA GLY B 329 -4.80 42.65 -7.93
C GLY B 329 -3.42 43.23 -7.87
N LEU B 330 -2.40 42.36 -7.82
CA LEU B 330 -1.01 42.74 -7.65
C LEU B 330 -0.12 42.18 -8.76
N GLU B 331 1.11 42.72 -8.87
CA GLU B 331 2.08 42.35 -9.89
C GLU B 331 2.80 41.05 -9.57
N THR B 332 2.04 39.95 -9.62
CA THR B 332 2.42 38.57 -9.34
C THR B 332 3.62 38.06 -10.19
N HIS B 333 4.02 38.85 -11.19
CA HIS B 333 5.10 38.59 -12.15
C HIS B 333 6.45 39.25 -11.80
N THR B 334 6.41 40.34 -11.02
CA THR B 334 7.56 41.15 -10.60
C THR B 334 7.81 40.99 -9.08
N LEU B 335 8.89 40.27 -8.68
CA LEU B 335 9.28 40.05 -7.26
C LEU B 335 9.53 41.37 -6.55
N ALA B 336 10.25 42.30 -7.25
CA ALA B 336 10.60 43.63 -6.76
C ALA B 336 9.40 44.49 -6.31
N SER B 337 8.15 44.07 -6.67
CA SER B 337 6.91 44.78 -6.32
C SER B 337 6.55 44.58 -4.86
N LEU B 338 7.09 43.51 -4.26
CA LEU B 338 6.84 43.09 -2.88
C LEU B 338 5.40 42.58 -2.65
N TRP B 339 4.82 41.98 -3.72
CA TRP B 339 3.47 41.41 -3.73
C TRP B 339 3.37 40.29 -2.69
N LYS B 340 4.44 39.45 -2.56
CA LYS B 340 4.52 38.37 -1.60
C LYS B 340 4.41 38.87 -0.18
N ASP B 341 5.03 40.03 0.13
CA ASP B 341 5.00 40.59 1.47
C ASP B 341 3.62 41.14 1.78
N ARG B 342 3.00 41.68 0.76
CA ARG B 342 1.69 42.31 0.78
C ARG B 342 0.60 41.23 1.06
N ALA B 343 0.66 40.12 0.28
CA ALA B 343 -0.24 38.97 0.39
C ALA B 343 -0.11 38.25 1.73
N VAL B 344 1.15 37.89 2.12
CA VAL B 344 1.38 37.20 3.40
C VAL B 344 0.74 37.90 4.59
N THR B 345 0.79 39.23 4.63
CA THR B 345 0.21 39.99 5.73
C THR B 345 -1.30 39.83 5.80
N GLU B 346 -1.99 39.85 4.62
CA GLU B 346 -3.43 39.68 4.56
C GLU B 346 -3.82 38.28 5.05
N ILE B 347 -3.10 37.23 4.56
CA ILE B 347 -3.26 35.85 5.03
C ILE B 347 -3.11 35.82 6.57
N ASN B 348 -2.10 36.52 7.10
CA ASN B 348 -1.88 36.57 8.53
C ASN B 348 -2.98 37.26 9.29
N VAL B 349 -3.53 38.37 8.75
CA VAL B 349 -4.62 39.04 9.47
C VAL B 349 -5.88 38.18 9.39
N ALA B 350 -6.08 37.46 8.28
CA ALA B 350 -7.21 36.56 8.09
C ALA B 350 -7.17 35.48 9.17
N VAL B 351 -6.01 34.78 9.30
CA VAL B 351 -5.80 33.75 10.33
C VAL B 351 -6.13 34.31 11.73
N LEU B 352 -5.61 35.49 12.03
CA LEU B 352 -5.83 36.10 13.34
C LEU B 352 -7.25 36.46 13.61
N HIS B 353 -7.88 37.11 12.63
CA HIS B 353 -9.27 37.54 12.62
C HIS B 353 -10.21 36.32 12.78
N SER B 354 -10.00 35.27 11.96
CA SER B 354 -10.80 34.05 11.98
C SER B 354 -10.76 33.33 13.33
N PHE B 355 -9.58 33.23 13.96
CA PHE B 355 -9.47 32.59 15.27
C PHE B 355 -10.17 33.43 16.32
N GLN B 356 -10.07 34.77 16.20
CA GLN B 356 -10.65 35.73 17.13
C GLN B 356 -12.17 35.65 17.05
N LYS B 357 -12.70 35.72 15.81
CA LYS B 357 -14.12 35.66 15.47
C LYS B 357 -14.75 34.42 16.04
N GLN B 358 -14.08 33.27 15.88
CA GLN B 358 -14.55 31.96 16.29
C GLN B 358 -14.21 31.57 17.71
N ASN B 359 -13.81 32.53 18.55
CA ASN B 359 -13.43 32.37 19.97
C ASN B 359 -12.39 31.28 20.27
N VAL B 360 -11.38 31.15 19.38
CA VAL B 360 -10.30 30.18 19.51
C VAL B 360 -8.99 30.92 19.84
N THR B 361 -8.30 30.48 20.92
CA THR B 361 -7.02 31.04 21.36
C THR B 361 -6.00 31.01 20.21
N ILE B 362 -5.37 32.15 20.02
CA ILE B 362 -4.30 32.40 19.06
C ILE B 362 -3.49 33.57 19.60
N MET B 363 -2.22 33.62 19.22
CA MET B 363 -1.27 34.65 19.60
C MET B 363 -0.60 35.12 18.33
N ASP B 364 -0.50 36.46 18.18
CA ASP B 364 0.23 37.01 17.04
C ASP B 364 1.73 36.88 17.38
N HIS B 365 2.58 36.89 16.33
CA HIS B 365 4.03 36.74 16.48
C HIS B 365 4.73 37.90 17.21
N HIS B 366 4.17 39.12 17.15
CA HIS B 366 4.71 40.30 17.80
C HIS B 366 4.55 40.17 19.31
N THR B 367 3.32 39.84 19.76
CA THR B 367 2.99 39.64 21.18
C THR B 367 3.81 38.49 21.77
N ALA B 368 4.02 37.40 20.97
CA ALA B 368 4.76 36.20 21.38
C ALA B 368 6.22 36.54 21.61
N SER B 369 6.82 37.33 20.68
CA SER B 369 8.21 37.79 20.75
C SER B 369 8.46 38.57 22.04
N GLU B 370 7.57 39.50 22.37
CA GLU B 370 7.68 40.32 23.58
C GLU B 370 7.59 39.48 24.81
N SER B 371 6.65 38.53 24.82
CA SER B 371 6.40 37.57 25.90
C SER B 371 7.66 36.72 26.18
N PHE B 372 8.29 36.20 25.12
CA PHE B 372 9.48 35.40 25.23
C PHE B 372 10.65 36.21 25.84
N MET B 373 10.78 37.48 25.43
CA MET B 373 11.79 38.40 25.92
C MET B 373 11.62 38.62 27.42
N LYS B 374 10.38 38.84 27.87
CA LYS B 374 10.06 38.95 29.30
C LYS B 374 10.49 37.65 30.01
N HIS B 375 10.09 36.47 29.46
CA HIS B 375 10.45 35.15 29.99
C HIS B 375 11.97 34.98 30.11
N MET B 376 12.72 35.27 29.00
CA MET B 376 14.18 35.15 28.93
C MET B 376 14.88 35.98 30.01
N GLN B 377 14.38 37.23 30.24
CA GLN B 377 14.84 38.13 31.28
C GLN B 377 14.59 37.50 32.65
N ASN B 378 13.37 36.97 32.91
CA ASN B 378 13.00 36.28 34.16
C ASN B 378 13.90 35.07 34.40
N GLU B 379 14.26 34.43 33.30
CA GLU B 379 15.02 33.20 33.21
C GLU B 379 16.48 33.37 33.58
N TYR B 380 17.15 34.41 33.05
CA TYR B 380 18.53 34.73 33.39
C TYR B 380 18.63 35.20 34.84
N ARG B 381 17.58 35.84 35.36
CA ARG B 381 17.51 36.29 36.73
C ARG B 381 17.44 35.08 37.66
N ALA B 382 16.43 34.21 37.48
CA ALA B 382 16.17 33.03 38.30
C ALA B 382 17.09 31.84 38.09
N ARG B 383 17.75 31.74 36.92
CA ARG B 383 18.56 30.57 36.60
C ARG B 383 19.91 30.91 35.98
N GLY B 384 20.09 32.15 35.56
CA GLY B 384 21.36 32.56 34.94
C GLY B 384 21.52 32.03 33.54
N GLY B 385 20.42 31.86 32.84
CA GLY B 385 20.41 31.38 31.47
C GLY B 385 19.07 30.89 30.96
N CYS B 386 19.00 30.75 29.65
CA CYS B 386 17.84 30.27 28.95
C CYS B 386 18.32 29.62 27.66
N PRO B 387 18.20 28.28 27.53
CA PRO B 387 18.61 27.66 26.25
C PRO B 387 17.69 28.14 25.13
N ALA B 388 18.25 28.71 24.07
CA ALA B 388 17.43 29.27 23.01
C ALA B 388 18.07 29.13 21.64
N ASP B 389 17.31 28.56 20.69
CA ASP B 389 17.72 28.36 19.30
C ASP B 389 17.05 29.48 18.47
N TRP B 390 17.85 30.51 18.18
CA TRP B 390 17.50 31.73 17.46
C TRP B 390 16.75 31.48 16.17
N ILE B 391 17.20 30.50 15.37
CA ILE B 391 16.64 30.07 14.09
C ILE B 391 15.17 29.66 14.21
N TRP B 392 14.80 29.15 15.38
CA TRP B 392 13.46 28.68 15.63
C TRP B 392 12.61 29.71 16.31
N LEU B 393 13.20 30.44 17.26
CA LEU B 393 12.50 31.46 18.02
C LEU B 393 12.14 32.71 17.20
N VAL B 394 12.93 33.05 16.16
CA VAL B 394 12.60 34.21 15.32
C VAL B 394 11.43 33.87 14.37
N PRO B 395 10.28 34.61 14.49
CA PRO B 395 9.14 34.38 13.58
C PRO B 395 9.51 34.22 12.10
N PRO B 396 8.80 33.31 11.40
CA PRO B 396 9.13 33.05 9.98
C PRO B 396 8.91 34.23 9.04
N VAL B 397 8.33 35.31 9.57
CA VAL B 397 8.03 36.55 8.86
C VAL B 397 8.28 37.71 9.86
N SER B 398 8.65 38.88 9.34
CA SER B 398 8.92 40.11 10.14
C SER B 398 10.00 40.03 11.27
N GLY B 399 11.07 39.29 11.01
CA GLY B 399 12.18 39.03 11.92
C GLY B 399 12.67 40.17 12.78
N SER B 400 13.34 41.17 12.17
CA SER B 400 13.89 42.35 12.87
C SER B 400 12.88 43.31 13.51
N ILE B 401 11.64 43.33 13.00
CA ILE B 401 10.54 44.14 13.53
C ILE B 401 10.14 43.53 14.89
N THR B 402 10.85 42.48 15.28
CA THR B 402 10.64 41.65 16.45
C THR B 402 11.84 41.75 17.41
N PRO B 403 11.60 41.85 18.73
CA PRO B 403 12.71 41.97 19.68
C PRO B 403 13.68 40.79 19.72
N VAL B 404 13.16 39.53 19.52
CA VAL B 404 13.97 38.30 19.61
C VAL B 404 15.09 38.23 18.55
N PHE B 405 14.92 38.95 17.46
CA PHE B 405 15.90 38.95 16.39
C PHE B 405 17.23 39.56 16.81
N HIS B 406 17.17 40.59 17.66
CA HIS B 406 18.29 41.39 18.13
C HIS B 406 18.91 40.81 19.37
N GLN B 407 18.31 39.75 19.90
CA GLN B 407 18.78 39.08 21.09
C GLN B 407 19.78 37.97 20.77
N GLU B 408 20.99 38.04 21.37
CA GLU B 408 21.99 36.98 21.22
C GLU B 408 21.56 35.86 22.16
N MET B 409 21.70 34.62 21.69
CA MET B 409 21.21 33.46 22.46
C MET B 409 22.21 32.35 22.54
N LEU B 410 22.07 31.53 23.58
CA LEU B 410 22.90 30.34 23.71
C LEU B 410 22.01 29.14 23.68
N ASN B 411 22.33 28.21 22.80
CA ASN B 411 21.56 27.00 22.61
C ASN B 411 22.27 25.78 23.19
N TYR B 412 21.68 25.20 24.23
CA TYR B 412 22.26 24.02 24.90
C TYR B 412 21.17 23.07 25.41
N VAL B 413 21.54 21.77 25.57
CA VAL B 413 20.63 20.72 26.01
C VAL B 413 20.75 20.47 27.52
N LEU B 414 19.73 20.80 28.29
CA LEU B 414 19.69 20.56 29.72
C LEU B 414 18.96 19.23 29.96
N SER B 415 18.49 18.98 31.21
CA SER B 415 17.70 17.82 31.59
C SER B 415 16.78 18.19 32.76
N PRO B 416 15.47 17.83 32.74
CA PRO B 416 14.73 17.09 31.71
C PRO B 416 14.67 17.77 30.33
N PHE B 417 14.47 16.97 29.28
CA PHE B 417 14.45 17.51 27.91
C PHE B 417 13.48 16.75 26.98
N TYR B 418 12.96 17.42 25.93
CA TYR B 418 12.14 16.75 24.93
C TYR B 418 13.01 16.54 23.73
N TYR B 419 13.30 15.28 23.43
CA TYR B 419 14.13 14.91 22.28
C TYR B 419 13.30 14.48 21.11
N TYR B 420 13.92 14.49 19.94
CA TYR B 420 13.34 13.93 18.73
C TYR B 420 13.63 12.42 18.78
N GLN B 421 12.95 11.66 17.96
CA GLN B 421 13.16 10.22 17.90
C GLN B 421 13.35 9.83 16.43
N ILE B 422 13.91 8.65 16.19
CA ILE B 422 14.01 8.15 14.82
C ILE B 422 12.59 7.72 14.47
N GLU B 423 12.13 8.03 13.26
CA GLU B 423 10.78 7.70 12.82
C GLU B 423 10.49 6.23 13.08
N PRO B 424 9.39 5.92 13.80
CA PRO B 424 9.18 4.54 14.26
C PRO B 424 9.25 3.44 13.23
N TRP B 425 8.64 3.66 12.04
CA TRP B 425 8.62 2.71 10.92
C TRP B 425 9.99 2.31 10.39
N LYS B 426 11.00 3.13 10.68
CA LYS B 426 12.37 2.91 10.23
C LYS B 426 13.12 1.91 11.12
N THR B 427 12.66 1.70 12.38
CA THR B 427 13.33 0.82 13.36
C THR B 427 12.44 -0.30 13.88
N HIS B 428 11.12 -0.20 13.67
CA HIS B 428 10.16 -1.18 14.18
C HIS B 428 10.38 -2.56 13.60
N ILE B 429 10.32 -3.57 14.49
CA ILE B 429 10.42 -4.97 14.13
C ILE B 429 8.98 -5.48 14.15
N TRP B 430 8.45 -5.80 12.96
CA TRP B 430 7.06 -6.21 12.78
C TRP B 430 6.70 -7.60 13.33
N GLN B 431 5.40 -7.99 13.26
CA GLN B 431 4.93 -9.28 13.79
C GLN B 431 4.11 -10.15 12.83
#